data_3ZVK
#
_entry.id   3ZVK
#
_cell.length_a   80.780
_cell.length_b   92.333
_cell.length_c   150.495
_cell.angle_alpha   90.00
_cell.angle_beta   90.00
_cell.angle_gamma   90.00
#
_symmetry.space_group_name_H-M   'P 21 21 21'
#
loop_
_entity.id
_entity.type
_entity.pdbx_description
1 polymer 'TOXIN OF TOXIN-ANTITOXIN SYSTEM'
2 polymer 'ANTITOXIN OF TOXIN-ANTITOXIN SYSTEM VAPB'
3 polymer DNA
4 polymer DNA
5 non-polymer '2-(N-MORPHOLINO)-ETHANESULFONIC ACID'
6 water water
#
loop_
_entity_poly.entity_id
_entity_poly.type
_entity_poly.pdbx_seq_one_letter_code
_entity_poly.pdbx_strand_id
1 'polypeptide(L)'
;MIYMLGTNICVYAINKHPDSYYNNLELLAKNNTIAISSIVLAELQYGVSKSKKKEQNQSKLDIFLSRLEIIDFSAKCTFY
YGELRTELEQKGLIIGNNDLLIASHAIAENATLVTNNIKEFKRIPNLILENWDK
;
A,B,C,D
2 'polypeptide(L)' MNKAKIFMNGQSQAVRLPKEFRFSVKEVSVIPLGKGIVLQPLPNSWKDVFQEMAEISSDDIFPEGRKDLPPQKRKYFE E,F,G,H
3 'polydeoxyribonucleotide'
;(DA)(DG)(DT)(DA)(DT)(DA)(DT)(DA)(DT)(DT)(DA)(DA)(DT)(DT)(DA)(DG)(DT)(DA)(DT)(DA)
(DT)(DA)(DT)(DT)(DA)(DA)
;
X
4 'polydeoxyribonucleotide'
;(DT)(DT)(DA)(DA)(DT)(DA)(DT)(DA)(DT)(DA)(DC)(DT)(DA)(DA)(DT)(DT)(DA)(DA)(DT)(DA)
(DT)(DA)(DT)(DA)(DC)(DT)
;
Y
#
loop_
_chem_comp.id
_chem_comp.type
_chem_comp.name
_chem_comp.formula
DA DNA linking 2'-DEOXYADENOSINE-5'-MONOPHOSPHATE 'C10 H14 N5 O6 P'
DC DNA linking 2'-DEOXYCYTIDINE-5'-MONOPHOSPHATE 'C9 H14 N3 O7 P'
DG DNA linking 2'-DEOXYGUANOSINE-5'-MONOPHOSPHATE 'C10 H14 N5 O7 P'
DT DNA linking THYMIDINE-5'-MONOPHOSPHATE 'C10 H15 N2 O8 P'
MES non-polymer '2-(N-MORPHOLINO)-ETHANESULFONIC ACID' 'C6 H13 N O4 S'
#
# COMPACT_ATOMS: atom_id res chain seq x y z
N MET A 1 -32.49 7.52 -0.70
CA MET A 1 -31.88 6.59 0.22
C MET A 1 -31.29 5.37 -0.49
N ILE A 2 -30.76 4.40 0.26
CA ILE A 2 -30.19 3.16 -0.29
C ILE A 2 -31.22 2.03 -0.24
N TYR A 3 -31.42 1.36 -1.37
CA TYR A 3 -32.27 0.19 -1.46
C TYR A 3 -31.34 -0.97 -1.78
N MET A 4 -31.19 -1.93 -0.86
CA MET A 4 -30.34 -3.10 -1.08
C MET A 4 -31.25 -4.27 -1.43
N LEU A 5 -30.97 -4.96 -2.56
CA LEU A 5 -31.82 -6.11 -2.95
C LEU A 5 -31.28 -7.39 -2.36
N GLY A 6 -32.19 -8.21 -1.88
CA GLY A 6 -31.89 -9.52 -1.32
C GLY A 6 -31.67 -10.53 -2.43
N THR A 7 -31.22 -11.72 -2.08
CA THR A 7 -30.89 -12.78 -3.03
C THR A 7 -32.10 -13.22 -3.85
N ASN A 8 -33.24 -13.47 -3.17
CA ASN A 8 -34.50 -13.90 -3.79
C ASN A 8 -35.00 -12.92 -4.84
N ILE A 9 -34.93 -11.60 -4.56
CA ILE A 9 -35.31 -10.54 -5.51
C ILE A 9 -34.45 -10.65 -6.75
N CYS A 10 -33.10 -10.82 -6.55
CA CYS A 10 -32.11 -10.89 -7.60
C CYS A 10 -32.29 -12.11 -8.50
N VAL A 11 -32.45 -13.32 -7.90
CA VAL A 11 -32.68 -14.60 -8.57
C VAL A 11 -33.99 -14.54 -9.42
N TYR A 12 -35.09 -14.01 -8.84
CA TYR A 12 -36.38 -13.86 -9.54
C TYR A 12 -36.29 -12.87 -10.69
N ALA A 13 -35.51 -11.79 -10.53
CA ALA A 13 -35.29 -10.79 -11.56
C ALA A 13 -34.58 -11.38 -12.77
N ILE A 14 -33.50 -12.16 -12.53
CA ILE A 14 -32.71 -12.82 -13.58
C ILE A 14 -33.50 -13.92 -14.28
N ASN A 15 -34.12 -14.81 -13.49
CA ASN A 15 -34.88 -15.91 -14.04
C ASN A 15 -36.19 -15.51 -14.67
N LYS A 16 -37.04 -14.75 -13.96
CA LYS A 16 -38.40 -14.41 -14.42
C LYS A 16 -38.60 -13.02 -14.99
N HIS A 17 -37.61 -12.12 -14.84
CA HIS A 17 -37.65 -10.72 -15.33
C HIS A 17 -39.07 -10.08 -15.33
N PRO A 18 -39.73 -9.96 -14.16
CA PRO A 18 -41.10 -9.39 -14.16
C PRO A 18 -41.14 -7.90 -14.39
N ASP A 19 -42.17 -7.40 -15.10
CA ASP A 19 -42.32 -5.98 -15.41
C ASP A 19 -42.43 -5.10 -14.18
N SER A 20 -43.11 -5.59 -13.14
CA SER A 20 -43.30 -4.85 -11.89
C SER A 20 -41.97 -4.52 -11.20
N TYR A 21 -40.99 -5.45 -11.29
CA TYR A 21 -39.63 -5.30 -10.74
C TYR A 21 -38.88 -4.17 -11.44
N TYR A 22 -38.88 -4.13 -12.82
CA TYR A 22 -38.20 -3.05 -13.53
C TYR A 22 -38.87 -1.69 -13.32
N ASN A 23 -40.21 -1.67 -13.15
CA ASN A 23 -40.92 -0.42 -12.91
C ASN A 23 -40.59 0.14 -11.53
N ASN A 24 -40.38 -0.73 -10.53
CA ASN A 24 -40.03 -0.33 -9.17
C ASN A 24 -38.60 0.15 -9.14
N LEU A 25 -37.73 -0.53 -9.91
CA LEU A 25 -36.31 -0.20 -10.00
C LEU A 25 -36.12 1.12 -10.72
N GLU A 26 -36.76 1.31 -11.88
CA GLU A 26 -36.67 2.57 -12.63
C GLU A 26 -37.19 3.75 -11.79
N LEU A 27 -38.30 3.56 -11.04
CA LEU A 27 -38.87 4.60 -10.21
C LEU A 27 -37.92 5.01 -9.08
N LEU A 28 -37.39 4.00 -8.36
CA LEU A 28 -36.52 4.20 -7.24
C LEU A 28 -35.17 4.77 -7.66
N ALA A 29 -34.63 4.34 -8.81
CA ALA A 29 -33.30 4.75 -9.31
C ALA A 29 -33.19 6.24 -9.59
N LYS A 30 -34.34 6.90 -9.85
CA LYS A 30 -34.42 8.33 -10.14
C LYS A 30 -34.01 9.21 -8.95
N ASN A 31 -34.27 8.79 -7.69
CA ASN A 31 -33.97 9.59 -6.49
C ASN A 31 -33.20 8.81 -5.41
N ASN A 32 -32.95 7.50 -5.63
CA ASN A 32 -32.30 6.62 -4.66
C ASN A 32 -31.21 5.80 -5.29
N THR A 33 -30.40 5.13 -4.46
CA THR A 33 -29.32 4.23 -4.89
C THR A 33 -29.76 2.80 -4.76
N ILE A 34 -29.68 2.06 -5.88
CA ILE A 34 -29.96 0.64 -5.93
C ILE A 34 -28.66 -0.10 -5.77
N ALA A 35 -28.59 -0.97 -4.75
CA ALA A 35 -27.39 -1.75 -4.44
C ALA A 35 -27.62 -3.21 -4.06
N ILE A 36 -26.55 -3.99 -4.00
CA ILE A 36 -26.50 -5.37 -3.48
C ILE A 36 -25.28 -5.51 -2.62
N SER A 37 -25.38 -6.34 -1.61
CA SER A 37 -24.28 -6.66 -0.73
C SER A 37 -23.37 -7.58 -1.52
N SER A 38 -22.06 -7.55 -1.25
CA SER A 38 -21.12 -8.48 -1.84
C SER A 38 -21.55 -9.93 -1.44
N ILE A 39 -22.28 -10.11 -0.27
CA ILE A 39 -22.84 -11.40 0.23
C ILE A 39 -23.91 -11.96 -0.74
N VAL A 40 -24.76 -11.09 -1.28
CA VAL A 40 -25.75 -11.43 -2.31
C VAL A 40 -25.01 -11.88 -3.56
N LEU A 41 -23.98 -11.12 -3.98
CA LEU A 41 -23.15 -11.44 -5.14
C LEU A 41 -22.46 -12.78 -5.02
N ALA A 42 -22.02 -13.14 -3.79
CA ALA A 42 -21.41 -14.44 -3.50
C ALA A 42 -22.42 -15.53 -3.84
N GLU A 43 -23.68 -15.36 -3.40
CA GLU A 43 -24.77 -16.30 -3.66
C GLU A 43 -25.09 -16.40 -5.16
N LEU A 44 -25.15 -15.26 -5.86
CA LEU A 44 -25.44 -15.21 -7.29
C LEU A 44 -24.31 -15.85 -8.12
N GLN A 45 -23.05 -15.61 -7.74
CA GLN A 45 -21.89 -16.25 -8.37
C GLN A 45 -21.89 -17.79 -8.16
N TYR A 46 -22.35 -18.24 -7.00
CA TYR A 46 -22.55 -19.68 -6.74
C TYR A 46 -23.64 -20.25 -7.66
N GLY A 47 -24.71 -19.49 -7.89
CA GLY A 47 -25.80 -19.86 -8.79
C GLY A 47 -25.29 -20.10 -10.19
N VAL A 48 -24.38 -19.24 -10.67
CA VAL A 48 -23.75 -19.32 -11.99
C VAL A 48 -22.86 -20.55 -12.10
N SER A 49 -21.93 -20.72 -11.16
CA SER A 49 -20.96 -21.83 -11.15
C SER A 49 -21.60 -23.23 -11.09
N LYS A 50 -22.74 -23.32 -10.38
CA LYS A 50 -23.50 -24.54 -10.16
C LYS A 50 -24.30 -24.96 -11.41
N SER A 51 -24.83 -23.98 -12.16
CA SER A 51 -25.67 -24.16 -13.34
C SER A 51 -25.01 -24.89 -14.51
N LYS A 52 -25.85 -25.34 -15.46
CA LYS A 52 -25.43 -26.05 -16.68
C LYS A 52 -24.97 -25.03 -17.74
N LYS A 53 -25.71 -23.93 -17.89
CA LYS A 53 -25.47 -22.86 -18.86
C LYS A 53 -24.69 -21.70 -18.19
N LYS A 54 -23.43 -21.97 -17.78
CA LYS A 54 -22.54 -21.06 -17.06
C LYS A 54 -22.31 -19.70 -17.75
N GLU A 55 -21.96 -19.72 -19.05
CA GLU A 55 -21.70 -18.55 -19.90
C GLU A 55 -22.92 -17.63 -19.98
N GLN A 56 -24.11 -18.20 -20.25
CA GLN A 56 -25.37 -17.45 -20.36
C GLN A 56 -25.75 -16.86 -19.01
N ASN A 57 -25.64 -17.64 -17.94
CA ASN A 57 -26.00 -17.18 -16.62
C ASN A 57 -25.10 -16.09 -16.12
N GLN A 58 -23.79 -16.18 -16.46
CA GLN A 58 -22.82 -15.14 -16.10
C GLN A 58 -23.19 -13.85 -16.83
N SER A 59 -23.47 -13.94 -18.16
CA SER A 59 -23.88 -12.86 -19.02
C SER A 59 -25.09 -12.13 -18.45
N LYS A 60 -26.14 -12.87 -18.06
CA LYS A 60 -27.38 -12.34 -17.48
C LYS A 60 -27.09 -11.63 -16.16
N LEU A 61 -26.27 -12.24 -15.29
CA LEU A 61 -25.86 -11.65 -14.02
C LEU A 61 -25.07 -10.35 -14.29
N ASP A 62 -24.12 -10.34 -15.26
CA ASP A 62 -23.31 -9.16 -15.61
C ASP A 62 -24.21 -7.97 -16.05
N ILE A 63 -25.26 -8.26 -16.86
CA ILE A 63 -26.25 -7.29 -17.35
C ILE A 63 -27.07 -6.73 -16.17
N PHE A 64 -27.46 -7.60 -15.25
CA PHE A 64 -28.23 -7.25 -14.06
C PHE A 64 -27.45 -6.29 -13.15
N LEU A 65 -26.13 -6.52 -13.00
CA LEU A 65 -25.24 -5.72 -12.16
C LEU A 65 -24.86 -4.37 -12.75
N SER A 66 -25.00 -4.20 -14.08
CA SER A 66 -24.65 -2.95 -14.77
C SER A 66 -25.25 -1.67 -14.19
N ARG A 67 -26.49 -1.69 -13.62
CA ARG A 67 -27.09 -0.46 -13.07
C ARG A 67 -27.21 -0.47 -11.52
N LEU A 68 -26.49 -1.42 -10.89
CA LEU A 68 -26.40 -1.70 -9.44
C LEU A 68 -25.05 -1.24 -8.87
N GLU A 69 -24.98 -0.95 -7.57
CA GLU A 69 -23.75 -0.68 -6.84
C GLU A 69 -23.52 -1.94 -5.98
N ILE A 70 -22.33 -2.55 -6.08
CA ILE A 70 -21.97 -3.72 -5.25
C ILE A 70 -21.26 -3.18 -3.99
N ILE A 71 -21.88 -3.35 -2.82
CA ILE A 71 -21.33 -2.82 -1.57
C ILE A 71 -20.62 -3.93 -0.83
N ASP A 72 -19.33 -3.72 -0.50
CA ASP A 72 -18.51 -4.67 0.24
C ASP A 72 -18.99 -4.85 1.68
N PHE A 73 -18.97 -6.09 2.19
CA PHE A 73 -19.37 -6.34 3.57
C PHE A 73 -18.19 -5.86 4.43
N SER A 74 -18.39 -4.73 5.10
CA SER A 74 -17.37 -4.02 5.87
C SER A 74 -17.41 -4.25 7.37
N ALA A 75 -16.37 -3.81 8.07
CA ALA A 75 -16.22 -3.90 9.52
C ALA A 75 -17.37 -3.26 10.29
N LYS A 76 -17.99 -2.18 9.75
CA LYS A 76 -19.12 -1.52 10.40
C LYS A 76 -20.35 -2.42 10.53
N CYS A 77 -20.51 -3.42 9.62
CA CYS A 77 -21.64 -4.37 9.64
C CYS A 77 -21.54 -5.41 10.72
N THR A 78 -20.30 -5.77 11.09
CA THR A 78 -19.97 -6.80 12.07
C THR A 78 -20.66 -6.65 13.44
N PHE A 79 -20.73 -5.42 14.01
CA PHE A 79 -21.39 -5.17 15.31
C PHE A 79 -22.88 -5.50 15.25
N TYR A 80 -23.54 -5.09 14.15
CA TYR A 80 -24.97 -5.32 13.91
C TYR A 80 -25.28 -6.78 13.74
N TYR A 81 -24.42 -7.52 13.02
CA TYR A 81 -24.52 -8.98 12.83
C TYR A 81 -24.50 -9.71 14.19
N GLY A 82 -23.52 -9.37 15.04
CA GLY A 82 -23.35 -9.97 16.36
C GLY A 82 -24.56 -9.79 17.24
N GLU A 83 -25.13 -8.57 17.24
CA GLU A 83 -26.30 -8.21 18.02
C GLU A 83 -27.57 -8.89 17.51
N LEU A 84 -27.77 -8.89 16.19
CA LEU A 84 -28.92 -9.51 15.51
C LEU A 84 -28.95 -11.04 15.69
N ARG A 85 -27.81 -11.71 15.45
CA ARG A 85 -27.71 -13.17 15.59
C ARG A 85 -28.03 -13.62 17.01
N THR A 86 -27.48 -12.91 18.01
CA THR A 86 -27.70 -13.19 19.44
C THR A 86 -29.18 -13.03 19.79
N GLU A 87 -29.80 -11.91 19.37
CA GLU A 87 -31.22 -11.62 19.62
C GLU A 87 -32.14 -12.66 18.99
N LEU A 88 -31.91 -13.02 17.72
CA LEU A 88 -32.71 -14.03 17.02
C LEU A 88 -32.64 -15.40 17.70
N GLU A 89 -31.45 -15.83 18.18
CA GLU A 89 -31.30 -17.09 18.88
C GLU A 89 -31.97 -17.05 20.26
N GLN A 90 -31.85 -15.90 20.96
CA GLN A 90 -32.50 -15.69 22.26
C GLN A 90 -34.01 -15.91 22.13
N LYS A 91 -34.62 -15.45 21.00
CA LYS A 91 -36.07 -15.60 20.74
C LYS A 91 -36.42 -16.95 20.08
N GLY A 92 -35.42 -17.81 19.87
CA GLY A 92 -35.58 -19.13 19.27
C GLY A 92 -35.85 -19.08 17.77
N LEU A 93 -35.66 -17.89 17.15
CA LEU A 93 -35.87 -17.60 15.73
C LEU A 93 -34.60 -17.89 14.88
N ILE A 94 -34.79 -18.37 13.63
CA ILE A 94 -33.70 -18.63 12.69
C ILE A 94 -33.94 -18.02 11.30
N ILE A 95 -33.00 -17.13 10.90
CA ILE A 95 -32.87 -16.48 9.59
C ILE A 95 -31.39 -16.68 9.32
N GLY A 96 -31.04 -17.95 9.22
CA GLY A 96 -29.67 -18.43 9.09
C GLY A 96 -28.81 -17.88 7.97
N ASN A 97 -27.57 -18.38 7.97
CA ASN A 97 -26.50 -18.17 7.02
C ASN A 97 -26.19 -16.73 6.59
N ASN A 98 -26.22 -16.57 5.27
CA ASN A 98 -25.94 -15.38 4.55
C ASN A 98 -27.05 -14.37 4.68
N ASP A 99 -28.31 -14.83 4.85
CA ASP A 99 -29.44 -13.90 5.06
C ASP A 99 -29.27 -13.04 6.33
N LEU A 100 -28.66 -13.62 7.39
CA LEU A 100 -28.29 -12.90 8.61
C LEU A 100 -27.19 -11.81 8.26
N LEU A 101 -26.20 -12.15 7.42
CA LEU A 101 -25.13 -11.25 6.98
C LEU A 101 -25.73 -10.13 6.11
N ILE A 102 -26.61 -10.52 5.17
CA ILE A 102 -27.32 -9.65 4.24
C ILE A 102 -28.14 -8.62 5.01
N ALA A 103 -28.92 -9.06 6.03
CA ALA A 103 -29.79 -8.23 6.88
C ALA A 103 -28.96 -7.25 7.70
N SER A 104 -27.85 -7.74 8.30
CA SER A 104 -26.88 -6.97 9.09
C SER A 104 -26.33 -5.81 8.28
N HIS A 105 -26.02 -6.08 7.00
CA HIS A 105 -25.47 -5.16 6.02
C HIS A 105 -26.45 -4.04 5.71
N ALA A 106 -27.76 -4.35 5.48
CA ALA A 106 -28.79 -3.33 5.26
C ALA A 106 -28.94 -2.47 6.52
N ILE A 107 -28.93 -3.09 7.72
CA ILE A 107 -29.03 -2.37 8.98
C ILE A 107 -27.86 -1.39 9.12
N ALA A 108 -26.62 -1.87 8.89
CA ALA A 108 -25.40 -1.08 8.98
C ALA A 108 -25.34 0.08 7.98
N GLU A 109 -25.96 -0.08 6.79
CA GLU A 109 -26.00 0.97 5.76
C GLU A 109 -27.25 1.88 5.90
N ASN A 110 -28.14 1.54 6.84
CA ASN A 110 -29.43 2.21 7.08
C ASN A 110 -30.27 2.19 5.80
N ALA A 111 -30.30 1.04 5.16
CA ALA A 111 -30.94 0.78 3.89
C ALA A 111 -32.27 0.03 4.03
N THR A 112 -33.10 0.10 2.99
CA THR A 112 -34.33 -0.66 2.89
C THR A 112 -33.94 -1.96 2.20
N LEU A 113 -34.25 -3.10 2.86
CA LEU A 113 -33.95 -4.39 2.28
C LEU A 113 -35.15 -4.88 1.51
N VAL A 114 -34.93 -5.19 0.23
CA VAL A 114 -35.96 -5.61 -0.69
C VAL A 114 -36.08 -7.12 -0.75
N THR A 115 -37.31 -7.60 -0.49
CA THR A 115 -37.65 -9.00 -0.42
C THR A 115 -38.76 -9.43 -1.39
N ASN A 116 -38.90 -10.77 -1.57
CA ASN A 116 -39.78 -11.57 -2.44
C ASN A 116 -40.91 -12.27 -1.64
N ASN A 117 -40.69 -12.49 -0.31
CA ASN A 117 -41.55 -13.23 0.60
C ASN A 117 -41.29 -12.92 2.09
N ILE A 118 -42.23 -13.36 2.94
CA ILE A 118 -42.18 -13.19 4.40
C ILE A 118 -41.19 -14.13 5.10
N LYS A 119 -40.84 -15.25 4.45
CA LYS A 119 -39.91 -16.23 5.03
C LYS A 119 -38.44 -15.76 5.01
N GLU A 120 -37.96 -15.18 3.89
CA GLU A 120 -36.56 -14.71 3.73
C GLU A 120 -36.01 -13.94 4.94
N PHE A 121 -36.69 -12.85 5.38
CA PHE A 121 -36.33 -12.02 6.53
C PHE A 121 -37.57 -11.88 7.37
N LYS A 122 -37.64 -12.65 8.45
CA LYS A 122 -38.83 -12.74 9.28
C LYS A 122 -39.13 -11.61 10.26
N ARG A 123 -38.87 -11.89 11.53
CA ARG A 123 -39.10 -10.99 12.66
C ARG A 123 -37.69 -10.56 13.07
N ILE A 124 -37.12 -9.68 12.25
CA ILE A 124 -35.77 -9.15 12.41
C ILE A 124 -35.84 -7.67 12.84
N PRO A 125 -35.38 -7.38 14.08
CA PRO A 125 -35.49 -6.02 14.62
C PRO A 125 -34.55 -5.01 13.97
N ASN A 126 -34.99 -3.73 13.96
CA ASN A 126 -34.27 -2.57 13.40
C ASN A 126 -34.06 -2.63 11.86
N LEU A 127 -34.74 -3.56 11.17
CA LEU A 127 -34.60 -3.72 9.73
C LEU A 127 -35.78 -3.16 8.96
N ILE A 128 -35.52 -2.21 8.04
CA ILE A 128 -36.51 -1.65 7.14
C ILE A 128 -36.62 -2.62 5.92
N LEU A 129 -37.83 -3.08 5.65
CA LEU A 129 -38.14 -4.04 4.59
C LEU A 129 -39.17 -3.51 3.62
N GLU A 130 -39.12 -4.01 2.39
CA GLU A 130 -40.05 -3.70 1.31
C GLU A 130 -40.18 -4.97 0.50
N ASN A 131 -41.40 -5.47 0.40
CA ASN A 131 -41.74 -6.69 -0.30
C ASN A 131 -42.29 -6.40 -1.69
N TRP A 132 -41.66 -7.00 -2.72
CA TRP A 132 -42.13 -6.89 -4.09
C TRP A 132 -42.75 -8.24 -4.41
N ASP A 133 -44.07 -8.30 -4.51
CA ASP A 133 -44.75 -9.55 -4.77
C ASP A 133 -44.41 -10.11 -6.15
N LYS A 134 -44.20 -11.43 -6.23
CA LYS A 134 -43.87 -12.14 -7.48
C LYS A 134 -45.08 -12.16 -8.43
N MET B 1 3.92 -11.12 2.15
CA MET B 1 2.80 -12.05 2.26
C MET B 1 1.72 -11.55 3.24
N ILE B 2 0.44 -11.77 2.90
CA ILE B 2 -0.73 -11.52 3.75
C ILE B 2 -1.03 -12.83 4.48
N TYR B 3 -1.18 -12.76 5.81
CA TYR B 3 -1.58 -13.87 6.64
C TYR B 3 -2.95 -13.54 7.18
N MET B 4 -3.92 -14.38 6.81
CA MET B 4 -5.29 -14.22 7.28
C MET B 4 -5.55 -15.25 8.38
N LEU B 5 -6.01 -14.76 9.53
CA LEU B 5 -6.28 -15.64 10.66
C LEU B 5 -7.70 -16.15 10.58
N GLY B 6 -7.89 -17.45 10.81
CA GLY B 6 -9.20 -18.10 10.86
C GLY B 6 -9.87 -17.75 12.18
N THR B 7 -11.19 -17.92 12.29
CA THR B 7 -11.88 -17.57 13.53
C THR B 7 -11.31 -18.26 14.79
N ASN B 8 -11.05 -19.57 14.68
CA ASN B 8 -10.53 -20.42 15.77
C ASN B 8 -9.21 -19.93 16.39
N ILE B 9 -8.29 -19.41 15.53
CA ILE B 9 -7.02 -18.84 15.98
C ILE B 9 -7.30 -17.61 16.86
N CYS B 10 -8.22 -16.73 16.41
CA CYS B 10 -8.62 -15.51 17.09
C CYS B 10 -9.30 -15.80 18.44
N VAL B 11 -10.30 -16.70 18.43
CA VAL B 11 -11.03 -17.11 19.64
C VAL B 11 -10.04 -17.63 20.72
N TYR B 12 -9.08 -18.52 20.33
CA TYR B 12 -8.07 -19.03 21.25
C TYR B 12 -7.12 -17.93 21.75
N ALA B 13 -6.75 -16.98 20.87
CA ALA B 13 -5.89 -15.85 21.23
C ALA B 13 -6.56 -14.96 22.28
N ILE B 14 -7.85 -14.60 22.07
CA ILE B 14 -8.60 -13.77 23.02
C ILE B 14 -8.87 -14.49 24.35
N ASN B 15 -9.38 -15.73 24.27
CA ASN B 15 -9.67 -16.51 25.48
C ASN B 15 -8.46 -16.98 26.25
N LYS B 16 -7.49 -17.65 25.58
CA LYS B 16 -6.34 -18.26 26.24
C LYS B 16 -5.02 -17.49 26.17
N HIS B 17 -4.93 -16.43 25.31
CA HIS B 17 -3.73 -15.58 25.11
C HIS B 17 -2.39 -16.34 25.27
N PRO B 18 -2.14 -17.40 24.46
CA PRO B 18 -0.90 -18.16 24.65
C PRO B 18 0.35 -17.42 24.18
N ASP B 19 1.48 -17.62 24.86
CA ASP B 19 2.75 -16.98 24.51
C ASP B 19 3.23 -17.36 23.12
N SER B 20 3.02 -18.64 22.71
CA SER B 20 3.41 -19.14 21.39
C SER B 20 2.71 -18.36 20.26
N TYR B 21 1.43 -17.98 20.49
CA TYR B 21 0.62 -17.20 19.56
C TYR B 21 1.18 -15.81 19.31
N TYR B 22 1.53 -15.07 20.39
CA TYR B 22 2.10 -13.73 20.21
C TYR B 22 3.49 -13.76 19.61
N ASN B 23 4.27 -14.83 19.89
CA ASN B 23 5.61 -14.97 19.33
C ASN B 23 5.55 -15.24 17.82
N ASN B 24 4.54 -16.04 17.40
CA ASN B 24 4.30 -16.36 16.00
C ASN B 24 3.83 -15.14 15.25
N LEU B 25 2.96 -14.33 15.89
CA LEU B 25 2.39 -13.11 15.32
C LEU B 25 3.45 -12.01 15.20
N GLU B 26 4.25 -11.79 16.27
CA GLU B 26 5.33 -10.80 16.27
C GLU B 26 6.39 -11.12 15.21
N LEU B 27 6.69 -12.41 14.99
CA LEU B 27 7.66 -12.85 14.00
C LEU B 27 7.19 -12.52 12.59
N LEU B 28 5.93 -12.88 12.28
CA LEU B 28 5.32 -12.66 10.97
C LEU B 28 5.08 -11.18 10.69
N ALA B 29 4.67 -10.39 11.72
CA ALA B 29 4.35 -8.97 11.59
C ALA B 29 5.52 -8.10 11.15
N LYS B 30 6.75 -8.58 11.39
CA LYS B 30 7.96 -7.86 11.02
C LYS B 30 8.12 -7.65 9.52
N ASN B 31 7.72 -8.65 8.69
CA ASN B 31 7.85 -8.56 7.22
C ASN B 31 6.57 -8.88 6.44
N ASN B 32 5.49 -9.24 7.15
CA ASN B 32 4.22 -9.61 6.54
C ASN B 32 3.05 -8.84 7.16
N THR B 33 1.89 -8.92 6.51
CA THR B 33 0.66 -8.29 6.97
C THR B 33 -0.23 -9.32 7.65
N ILE B 34 -0.61 -9.05 8.90
CA ILE B 34 -1.56 -9.87 9.64
C ILE B 34 -2.92 -9.20 9.47
N ALA B 35 -3.86 -9.96 8.94
CA ALA B 35 -5.21 -9.47 8.69
C ALA B 35 -6.23 -10.52 9.09
N ILE B 36 -7.50 -10.10 9.16
CA ILE B 36 -8.68 -10.94 9.37
C ILE B 36 -9.72 -10.46 8.38
N SER B 37 -10.55 -11.37 7.92
CA SER B 37 -11.66 -11.07 7.04
C SER B 37 -12.74 -10.34 7.88
N SER B 38 -13.60 -9.52 7.25
CA SER B 38 -14.72 -8.90 7.99
C SER B 38 -15.72 -10.04 8.35
N ILE B 39 -15.58 -11.22 7.70
CA ILE B 39 -16.42 -12.40 8.00
C ILE B 39 -16.02 -12.98 9.35
N VAL B 40 -14.71 -13.04 9.64
CA VAL B 40 -14.16 -13.49 10.92
C VAL B 40 -14.60 -12.51 12.02
N LEU B 41 -14.51 -11.19 11.72
CA LEU B 41 -14.91 -10.15 12.67
C LEU B 41 -16.40 -10.25 12.99
N ALA B 42 -17.23 -10.61 12.01
CA ALA B 42 -18.67 -10.83 12.20
C ALA B 42 -18.86 -11.95 13.24
N GLU B 43 -18.08 -13.07 13.11
CA GLU B 43 -18.12 -14.20 14.02
C GLU B 43 -17.63 -13.82 15.42
N LEU B 44 -16.53 -13.04 15.50
CA LEU B 44 -15.97 -12.59 16.78
C LEU B 44 -16.93 -11.65 17.51
N GLN B 45 -17.59 -10.76 16.77
CA GLN B 45 -18.61 -9.85 17.33
C GLN B 45 -19.80 -10.62 17.84
N TYR B 46 -20.16 -11.73 17.18
CA TYR B 46 -21.23 -12.60 17.64
C TYR B 46 -20.84 -13.29 18.95
N GLY B 47 -19.59 -13.71 19.06
CA GLY B 47 -19.04 -14.31 20.28
C GLY B 47 -19.15 -13.40 21.48
N VAL B 48 -18.87 -12.09 21.27
CA VAL B 48 -18.93 -11.02 22.27
C VAL B 48 -20.38 -10.72 22.71
N SER B 49 -21.28 -10.53 21.73
CA SER B 49 -22.70 -10.24 21.98
C SER B 49 -23.44 -11.37 22.71
N LYS B 50 -23.03 -12.61 22.47
CA LYS B 50 -23.58 -13.83 23.04
C LYS B 50 -23.16 -14.04 24.51
N SER B 51 -21.93 -13.62 24.85
CA SER B 51 -21.33 -13.75 26.19
C SER B 51 -22.07 -12.98 27.32
N LYS B 52 -21.72 -13.30 28.58
CA LYS B 52 -22.28 -12.65 29.78
C LYS B 52 -21.54 -11.32 30.05
N LYS B 53 -20.19 -11.32 29.92
CA LYS B 53 -19.34 -10.14 30.11
C LYS B 53 -19.03 -9.43 28.77
N LYS B 54 -20.10 -8.88 28.15
CA LYS B 54 -20.08 -8.19 26.86
C LYS B 54 -19.06 -7.07 26.74
N GLU B 55 -19.06 -6.13 27.71
CA GLU B 55 -18.18 -4.95 27.76
C GLU B 55 -16.70 -5.34 27.79
N GLN B 56 -16.35 -6.32 28.65
CA GLN B 56 -14.98 -6.83 28.83
C GLN B 56 -14.51 -7.56 27.58
N ASN B 57 -15.39 -8.40 27.04
CA ASN B 57 -15.07 -9.16 25.84
C ASN B 57 -14.89 -8.26 24.62
N GLN B 58 -15.70 -7.17 24.54
CA GLN B 58 -15.56 -6.19 23.46
C GLN B 58 -14.21 -5.50 23.58
N SER B 59 -13.84 -5.09 24.82
CA SER B 59 -12.56 -4.46 25.15
C SER B 59 -11.38 -5.32 24.70
N LYS B 60 -11.40 -6.63 25.04
CA LYS B 60 -10.38 -7.61 24.66
C LYS B 60 -10.30 -7.73 23.12
N LEU B 61 -11.45 -7.82 22.44
CA LEU B 61 -11.53 -7.89 20.98
C LEU B 61 -10.94 -6.61 20.36
N ASP B 62 -11.29 -5.41 20.91
CA ASP B 62 -10.79 -4.12 20.43
C ASP B 62 -9.26 -4.03 20.50
N ILE B 63 -8.67 -4.52 21.60
CA ILE B 63 -7.23 -4.59 21.84
C ILE B 63 -6.56 -5.54 20.83
N PHE B 64 -7.18 -6.71 20.59
CA PHE B 64 -6.71 -7.70 19.65
C PHE B 64 -6.65 -7.15 18.21
N LEU B 65 -7.66 -6.36 17.82
CA LEU B 65 -7.79 -5.72 16.50
C LEU B 65 -6.83 -4.55 16.26
N SER B 66 -6.29 -3.92 17.34
CA SER B 66 -5.31 -2.80 17.26
C SER B 66 -4.10 -3.16 16.40
N ARG B 67 -3.72 -4.45 16.41
CA ARG B 67 -2.60 -4.99 15.64
C ARG B 67 -2.98 -5.69 14.32
N LEU B 68 -4.29 -5.70 13.93
CA LEU B 68 -4.76 -6.34 12.69
C LEU B 68 -5.38 -5.41 11.68
N GLU B 69 -5.30 -5.82 10.40
CA GLU B 69 -5.95 -5.13 9.30
C GLU B 69 -7.27 -5.88 9.05
N ILE B 70 -8.41 -5.17 9.07
CA ILE B 70 -9.71 -5.81 8.79
C ILE B 70 -9.98 -5.63 7.29
N ILE B 71 -9.99 -6.73 6.54
CA ILE B 71 -10.21 -6.70 5.09
C ILE B 71 -11.68 -6.98 4.77
N ASP B 72 -12.32 -6.08 4.07
CA ASP B 72 -13.72 -6.17 3.65
C ASP B 72 -13.95 -7.29 2.65
N PHE B 73 -15.08 -8.02 2.80
CA PHE B 73 -15.39 -9.12 1.87
C PHE B 73 -15.90 -8.43 0.62
N SER B 74 -15.07 -8.40 -0.40
CA SER B 74 -15.30 -7.62 -1.63
C SER B 74 -15.84 -8.40 -2.79
N ALA B 75 -16.22 -7.67 -3.84
CA ALA B 75 -16.76 -8.16 -5.11
C ALA B 75 -15.81 -9.17 -5.77
N LYS B 76 -14.47 -8.95 -5.66
CA LYS B 76 -13.48 -9.87 -6.21
C LYS B 76 -13.55 -11.28 -5.64
N CYS B 77 -13.94 -11.46 -4.34
CA CYS B 77 -14.05 -12.75 -3.64
C CYS B 77 -15.18 -13.64 -4.14
N THR B 78 -16.25 -13.02 -4.66
CA THR B 78 -17.49 -13.66 -5.08
C THR B 78 -17.33 -14.74 -6.15
N PHE B 79 -16.51 -14.48 -7.20
CA PHE B 79 -16.27 -15.48 -8.23
C PHE B 79 -15.61 -16.74 -7.63
N TYR B 80 -14.62 -16.56 -6.73
CA TYR B 80 -13.89 -17.63 -6.06
C TYR B 80 -14.81 -18.40 -5.13
N TYR B 81 -15.70 -17.70 -4.41
CA TYR B 81 -16.67 -18.35 -3.52
C TYR B 81 -17.61 -19.25 -4.34
N GLY B 82 -18.05 -18.75 -5.49
CA GLY B 82 -18.94 -19.48 -6.39
C GLY B 82 -18.35 -20.79 -6.88
N GLU B 83 -17.10 -20.74 -7.28
CA GLU B 83 -16.33 -21.86 -7.79
C GLU B 83 -16.00 -22.88 -6.69
N LEU B 84 -15.57 -22.39 -5.51
CA LEU B 84 -15.24 -23.20 -4.35
C LEU B 84 -16.47 -23.98 -3.80
N ARG B 85 -17.60 -23.28 -3.60
CA ARG B 85 -18.82 -23.89 -3.08
C ARG B 85 -19.32 -25.01 -3.99
N THR B 86 -19.32 -24.78 -5.31
CA THR B 86 -19.71 -25.78 -6.31
C THR B 86 -18.83 -27.01 -6.26
N GLU B 87 -17.50 -26.78 -6.24
CA GLU B 87 -16.49 -27.85 -6.23
C GLU B 87 -16.59 -28.69 -4.97
N LEU B 88 -16.74 -28.06 -3.79
CA LEU B 88 -16.87 -28.78 -2.52
C LEU B 88 -18.11 -29.68 -2.49
N GLU B 89 -19.23 -29.18 -3.05
CA GLU B 89 -20.50 -29.89 -3.13
CA GLU B 89 -20.52 -29.87 -3.18
C GLU B 89 -20.34 -31.09 -4.07
N GLN B 90 -19.68 -30.90 -5.21
CA GLN B 90 -19.38 -31.94 -6.22
C GLN B 90 -18.58 -33.07 -5.63
N LYS B 91 -17.62 -32.77 -4.72
CA LYS B 91 -16.78 -33.80 -4.08
C LYS B 91 -17.41 -34.38 -2.81
N GLY B 92 -18.59 -33.90 -2.43
CA GLY B 92 -19.27 -34.35 -1.21
C GLY B 92 -18.63 -33.85 0.07
N LEU B 93 -17.92 -32.70 0.00
CA LEU B 93 -17.22 -32.08 1.13
C LEU B 93 -18.07 -30.99 1.79
N ILE B 94 -18.41 -31.17 3.06
CA ILE B 94 -19.25 -30.24 3.80
C ILE B 94 -18.44 -29.29 4.64
N ILE B 95 -18.68 -28.02 4.43
CA ILE B 95 -18.04 -26.91 5.09
C ILE B 95 -19.13 -25.97 5.58
N GLY B 96 -18.90 -25.35 6.73
CA GLY B 96 -19.83 -24.39 7.32
C GLY B 96 -19.91 -23.13 6.49
N ASN B 97 -21.03 -22.44 6.59
CA ASN B 97 -21.32 -21.23 5.84
C ASN B 97 -20.26 -20.14 5.86
N ASN B 98 -19.76 -19.81 7.07
CA ASN B 98 -18.78 -18.76 7.28
C ASN B 98 -17.40 -19.18 6.87
N ASP B 99 -17.00 -20.41 7.19
CA ASP B 99 -15.70 -20.98 6.82
C ASP B 99 -15.51 -20.98 5.32
N LEU B 100 -16.58 -21.21 4.58
CA LEU B 100 -16.61 -21.20 3.13
C LEU B 100 -16.35 -19.79 2.59
N LEU B 101 -16.93 -18.75 3.22
CA LEU B 101 -16.70 -17.33 2.88
C LEU B 101 -15.24 -16.90 3.26
N ILE B 102 -14.76 -17.33 4.45
CA ILE B 102 -13.41 -17.06 4.97
C ILE B 102 -12.31 -17.66 4.09
N ALA B 103 -12.50 -18.91 3.66
CA ALA B 103 -11.60 -19.63 2.76
C ALA B 103 -11.51 -18.94 1.40
N SER B 104 -12.66 -18.60 0.80
CA SER B 104 -12.76 -17.95 -0.51
C SER B 104 -12.12 -16.54 -0.51
N HIS B 105 -12.17 -15.84 0.65
CA HIS B 105 -11.56 -14.54 0.86
C HIS B 105 -10.04 -14.68 0.87
N ALA B 106 -9.53 -15.76 1.53
CA ALA B 106 -8.08 -16.04 1.60
C ALA B 106 -7.57 -16.29 0.17
N ILE B 107 -8.31 -17.10 -0.62
CA ILE B 107 -8.04 -17.42 -2.03
C ILE B 107 -8.00 -16.15 -2.92
N ALA B 108 -8.99 -15.27 -2.77
CA ALA B 108 -9.08 -14.05 -3.56
C ALA B 108 -7.93 -13.10 -3.28
N GLU B 109 -7.47 -13.04 -2.02
CA GLU B 109 -6.38 -12.17 -1.58
C GLU B 109 -4.99 -12.83 -1.78
N ASN B 110 -4.96 -14.13 -2.15
CA ASN B 110 -3.76 -14.97 -2.30
C ASN B 110 -3.00 -14.98 -0.95
N ALA B 111 -3.76 -15.15 0.13
CA ALA B 111 -3.25 -15.10 1.49
C ALA B 111 -3.13 -16.48 2.11
N THR B 112 -2.31 -16.59 3.15
CA THR B 112 -2.15 -17.82 3.90
C THR B 112 -3.22 -17.78 4.99
N LEU B 113 -4.12 -18.80 5.01
CA LEU B 113 -5.13 -18.91 6.05
C LEU B 113 -4.53 -19.66 7.25
N VAL B 114 -4.46 -18.95 8.40
CA VAL B 114 -3.94 -19.49 9.64
C VAL B 114 -5.09 -20.10 10.40
N THR B 115 -5.01 -21.42 10.59
CA THR B 115 -6.01 -22.26 11.23
C THR B 115 -5.49 -23.00 12.45
N ASN B 116 -6.34 -23.06 13.49
CA ASN B 116 -6.11 -23.73 14.77
C ASN B 116 -6.17 -25.23 14.50
N ASN B 117 -7.26 -25.72 13.86
CA ASN B 117 -7.43 -27.12 13.45
C ASN B 117 -7.68 -27.21 11.94
N ILE B 118 -6.81 -27.95 11.22
CA ILE B 118 -6.92 -28.09 9.77
C ILE B 118 -8.20 -28.78 9.38
N LYS B 119 -8.31 -30.11 9.66
CA LYS B 119 -9.45 -30.96 9.28
C LYS B 119 -9.65 -30.89 7.75
N GLU B 120 -10.90 -30.76 7.29
CA GLU B 120 -11.22 -30.67 5.86
C GLU B 120 -10.69 -29.38 5.15
N PHE B 121 -9.97 -28.47 5.87
CA PHE B 121 -9.44 -27.26 5.24
C PHE B 121 -8.39 -27.50 4.15
N LYS B 122 -7.62 -28.59 4.28
CA LYS B 122 -6.60 -29.02 3.31
C LYS B 122 -7.26 -29.52 2.03
N ARG B 123 -8.53 -29.98 2.13
CA ARG B 123 -9.31 -30.53 1.03
C ARG B 123 -9.86 -29.45 0.13
N ILE B 124 -9.64 -28.18 0.50
CA ILE B 124 -10.07 -26.96 -0.18
C ILE B 124 -9.04 -26.58 -1.24
N PRO B 125 -9.43 -26.64 -2.52
CA PRO B 125 -8.47 -26.35 -3.59
C PRO B 125 -8.03 -24.90 -3.66
N ASN B 126 -6.78 -24.67 -4.08
CA ASN B 126 -6.12 -23.37 -4.23
C ASN B 126 -5.96 -22.57 -2.93
N LEU B 127 -6.13 -23.22 -1.76
CA LEU B 127 -6.01 -22.57 -0.46
C LEU B 127 -4.67 -22.86 0.26
N ILE B 128 -3.91 -21.80 0.56
CA ILE B 128 -2.70 -21.88 1.33
C ILE B 128 -3.07 -21.83 2.80
N LEU B 129 -2.61 -22.84 3.57
CA LEU B 129 -2.86 -22.98 5.00
C LEU B 129 -1.59 -23.08 5.82
N GLU B 130 -1.68 -22.70 7.11
CA GLU B 130 -0.64 -22.80 8.11
C GLU B 130 -1.32 -23.11 9.43
N ASN B 131 -0.90 -24.23 10.06
CA ASN B 131 -1.49 -24.70 11.31
C ASN B 131 -0.63 -24.36 12.53
N TRP B 132 -1.25 -23.80 13.56
CA TRP B 132 -0.62 -23.45 14.84
C TRP B 132 -1.28 -24.27 15.97
N ASP B 133 -0.48 -24.74 16.95
CA ASP B 133 -0.97 -25.52 18.10
C ASP B 133 -0.03 -25.42 19.31
N MET C 1 13.85 30.54 -9.75
CA MET C 1 14.91 29.58 -10.09
C MET C 1 15.29 28.77 -8.89
N ILE C 2 15.94 27.61 -9.07
CA ILE C 2 16.34 26.75 -7.95
C ILE C 2 17.80 26.97 -7.61
N TYR C 3 18.10 27.20 -6.32
CA TYR C 3 19.46 27.32 -5.81
C TYR C 3 19.63 26.16 -4.88
N MET C 4 20.48 25.21 -5.25
CA MET C 4 20.76 24.06 -4.42
C MET C 4 22.08 24.31 -3.69
N LEU C 5 22.06 24.17 -2.35
CA LEU C 5 23.23 24.33 -1.48
C LEU C 5 24.05 23.03 -1.38
N GLY C 6 25.38 23.18 -1.56
CA GLY C 6 26.35 22.09 -1.41
C GLY C 6 26.65 21.83 0.06
N THR C 7 27.26 20.66 0.37
CA THR C 7 27.56 20.25 1.74
C THR C 7 28.42 21.25 2.48
N ASN C 8 29.50 21.74 1.85
CA ASN C 8 30.43 22.69 2.47
C ASN C 8 29.77 24.02 2.89
N ILE C 9 28.84 24.54 2.06
CA ILE C 9 28.06 25.75 2.37
C ILE C 9 27.24 25.49 3.62
N CYS C 10 26.62 24.28 3.70
CA CYS C 10 25.77 23.87 4.82
C CYS C 10 26.51 23.70 6.11
N VAL C 11 27.62 22.95 6.08
CA VAL C 11 28.49 22.72 7.23
C VAL C 11 28.98 24.07 7.80
N TYR C 12 29.45 25.01 6.94
CA TYR C 12 29.90 26.33 7.36
C TYR C 12 28.76 27.16 7.94
N ALA C 13 27.55 27.05 7.36
CA ALA C 13 26.37 27.77 7.84
C ALA C 13 25.99 27.32 9.26
N ILE C 14 25.95 25.99 9.51
CA ILE C 14 25.62 25.43 10.82
C ILE C 14 26.72 25.70 11.85
N ASN C 15 27.99 25.45 11.51
CA ASN C 15 29.10 25.68 12.42
C ASN C 15 29.41 27.14 12.68
N LYS C 16 29.60 27.95 11.62
CA LYS C 16 30.04 29.34 11.75
C LYS C 16 28.95 30.42 11.61
N HIS C 17 27.73 30.05 11.14
CA HIS C 17 26.58 30.96 10.93
C HIS C 17 27.01 32.40 10.52
N PRO C 18 27.70 32.57 9.37
CA PRO C 18 28.16 33.92 8.99
C PRO C 18 27.04 34.83 8.50
N ASP C 19 27.18 36.14 8.82
CA ASP C 19 26.26 37.24 8.47
C ASP C 19 25.96 37.27 6.97
N SER C 20 27.02 37.16 6.14
CA SER C 20 26.95 37.18 4.67
C SER C 20 26.11 36.07 4.05
N TYR C 21 26.15 34.86 4.64
CA TYR C 21 25.37 33.70 4.19
C TYR C 21 23.88 33.93 4.35
N TYR C 22 23.40 34.40 5.52
CA TYR C 22 21.97 34.65 5.72
C TYR C 22 21.45 35.81 4.85
N ASN C 23 22.31 36.81 4.55
CA ASN C 23 21.93 37.93 3.70
C ASN C 23 21.75 37.49 2.24
N ASN C 24 22.62 36.58 1.78
CA ASN C 24 22.53 36.05 0.43
C ASN C 24 21.31 35.15 0.31
N LEU C 25 21.03 34.35 1.37
CA LEU C 25 19.88 33.44 1.43
C LEU C 25 18.58 34.20 1.42
N GLU C 26 18.44 35.21 2.31
CA GLU C 26 17.24 36.04 2.40
C GLU C 26 16.94 36.77 1.09
N LEU C 27 18.00 37.23 0.38
CA LEU C 27 17.86 37.95 -0.90
C LEU C 27 17.29 37.04 -2.00
N LEU C 28 17.88 35.85 -2.16
CA LEU C 28 17.48 34.84 -3.14
C LEU C 28 16.10 34.27 -2.85
N ALA C 29 15.76 34.06 -1.56
CA ALA C 29 14.51 33.44 -1.13
C ALA C 29 13.26 34.20 -1.55
N LYS C 30 13.39 35.51 -1.82
CA LYS C 30 12.28 36.36 -2.25
C LYS C 30 11.70 35.95 -3.60
N ASN C 31 12.54 35.55 -4.57
CA ASN C 31 12.07 35.18 -5.91
C ASN C 31 12.51 33.80 -6.38
N ASN C 32 13.33 33.12 -5.58
CA ASN C 32 13.87 31.81 -5.95
C ASN C 32 13.63 30.77 -4.86
N THR C 33 13.86 29.50 -5.18
CA THR C 33 13.72 28.38 -4.27
C THR C 33 15.11 27.98 -3.77
N ILE C 34 15.28 27.97 -2.44
CA ILE C 34 16.49 27.51 -1.79
C ILE C 34 16.21 26.07 -1.40
N ALA C 35 17.12 25.16 -1.79
CA ALA C 35 16.97 23.74 -1.57
C ALA C 35 18.29 23.04 -1.33
N ILE C 36 18.20 21.75 -0.87
CA ILE C 36 19.31 20.82 -0.69
C ILE C 36 18.88 19.46 -1.21
N SER C 37 19.83 18.73 -1.72
CA SER C 37 19.64 17.37 -2.15
C SER C 37 19.50 16.51 -0.89
N SER C 38 18.77 15.37 -0.97
CA SER C 38 18.73 14.41 0.16
C SER C 38 20.14 13.80 0.36
N ILE C 39 21.06 13.94 -0.64
CA ILE C 39 22.45 13.48 -0.55
C ILE C 39 23.22 14.40 0.43
N VAL C 40 22.96 15.72 0.40
CA VAL C 40 23.54 16.69 1.32
C VAL C 40 23.04 16.36 2.71
N LEU C 41 21.72 16.11 2.85
CA LEU C 41 21.09 15.78 4.13
C LEU C 41 21.66 14.51 4.75
N ALA C 42 21.99 13.51 3.89
CA ALA C 42 22.63 12.25 4.31
C ALA C 42 23.95 12.57 4.97
N GLU C 43 24.74 13.48 4.35
CA GLU C 43 26.04 13.93 4.88
C GLU C 43 25.89 14.69 6.18
N LEU C 44 24.92 15.63 6.27
CA LEU C 44 24.68 16.43 7.46
C LEU C 44 24.15 15.59 8.63
N GLN C 45 23.33 14.57 8.33
CA GLN C 45 22.86 13.61 9.35
C GLN C 45 24.02 12.77 9.87
N TYR C 46 24.98 12.41 9.01
CA TYR C 46 26.19 11.68 9.41
C TYR C 46 27.06 12.55 10.30
N GLY C 47 27.16 13.84 9.99
CA GLY C 47 27.89 14.82 10.78
C GLY C 47 27.35 14.93 12.21
N VAL C 48 26.00 14.90 12.34
CA VAL C 48 25.28 14.93 13.63
C VAL C 48 25.56 13.65 14.44
N SER C 49 25.35 12.47 13.82
CA SER C 49 25.52 11.16 14.47
C SER C 49 26.95 10.89 14.97
N LYS C 50 27.94 11.43 14.25
CA LYS C 50 29.37 11.30 14.52
C LYS C 50 29.81 12.20 15.70
N SER C 51 29.20 13.38 15.86
CA SER C 51 29.53 14.37 16.89
C SER C 51 29.30 13.92 18.35
N LYS C 52 29.83 14.70 19.32
CA LYS C 52 29.69 14.43 20.77
C LYS C 52 28.34 15.01 21.26
N LYS C 53 27.99 16.24 20.80
CA LYS C 53 26.74 16.93 21.16
C LYS C 53 25.64 16.68 20.10
N LYS C 54 25.21 15.41 19.99
CA LYS C 54 24.23 14.92 19.01
C LYS C 54 22.89 15.68 19.02
N GLU C 55 22.28 15.84 20.22
CA GLU C 55 21.00 16.53 20.43
C GLU C 55 21.05 17.99 19.95
N GLN C 56 22.11 18.73 20.33
CA GLN C 56 22.33 20.14 19.95
C GLN C 56 22.55 20.28 18.46
N ASN C 57 23.38 19.40 17.89
CA ASN C 57 23.68 19.41 16.47
C ASN C 57 22.46 19.07 15.63
N GLN C 58 21.63 18.15 16.12
CA GLN C 58 20.38 17.80 15.43
C GLN C 58 19.45 19.00 15.45
N SER C 59 19.32 19.69 16.60
CA SER C 59 18.53 20.90 16.79
C SER C 59 18.93 21.99 15.82
N LYS C 60 20.27 22.25 15.68
CA LYS C 60 20.83 23.23 14.74
C LYS C 60 20.51 22.87 13.30
N LEU C 61 20.68 21.58 12.94
CA LEU C 61 20.36 21.08 11.60
C LEU C 61 18.84 21.27 11.33
N ASP C 62 17.95 20.92 12.32
CA ASP C 62 16.49 21.06 12.19
C ASP C 62 16.08 22.51 11.90
N ILE C 63 16.71 23.48 12.61
CA ILE C 63 16.49 24.92 12.44
C ILE C 63 16.94 25.37 11.04
N PHE C 64 18.09 24.88 10.59
CA PHE C 64 18.67 25.19 9.28
C PHE C 64 17.74 24.73 8.15
N LEU C 65 17.14 23.52 8.28
CA LEU C 65 16.22 22.92 7.32
C LEU C 65 14.85 23.57 7.26
N SER C 66 14.44 24.31 8.32
CA SER C 66 13.11 24.91 8.41
C SER C 66 12.73 25.81 7.25
N ARG C 67 13.73 26.46 6.58
CA ARG C 67 13.41 27.40 5.49
C ARG C 67 13.90 26.98 4.11
N LEU C 68 14.29 25.71 3.98
CA LEU C 68 14.72 25.18 2.69
C LEU C 68 13.89 23.96 2.26
N GLU C 69 13.98 23.58 0.99
CA GLU C 69 13.23 22.45 0.45
C GLU C 69 14.21 21.27 0.32
N ILE C 70 13.86 20.09 0.86
CA ILE C 70 14.71 18.91 0.73
C ILE C 70 14.23 18.16 -0.51
N ILE C 71 15.08 18.08 -1.55
CA ILE C 71 14.71 17.40 -2.81
C ILE C 71 15.31 16.00 -2.83
N ASP C 72 14.48 15.00 -3.01
CA ASP C 72 14.92 13.60 -3.06
C ASP C 72 15.73 13.31 -4.31
N PHE C 73 16.78 12.47 -4.18
CA PHE C 73 17.60 12.09 -5.32
C PHE C 73 16.77 11.09 -6.12
N SER C 74 16.26 11.53 -7.25
CA SER C 74 15.29 10.78 -8.06
C SER C 74 15.85 10.05 -9.27
N ALA C 75 15.00 9.28 -9.93
CA ALA C 75 15.27 8.50 -11.14
C ALA C 75 15.75 9.40 -12.29
N LYS C 76 15.23 10.64 -12.39
CA LYS C 76 15.68 11.57 -13.42
C LYS C 76 17.17 11.96 -13.32
N CYS C 77 17.75 11.96 -12.10
CA CYS C 77 19.14 12.29 -11.82
C CYS C 77 20.16 11.28 -12.36
N THR C 78 19.75 10.01 -12.39
CA THR C 78 20.57 8.86 -12.76
C THR C 78 21.23 8.95 -14.11
N PHE C 79 20.49 9.42 -15.15
CA PHE C 79 21.09 9.54 -16.49
C PHE C 79 22.26 10.55 -16.49
N TYR C 80 22.07 11.68 -15.81
CA TYR C 80 23.07 12.74 -15.68
C TYR C 80 24.27 12.28 -14.89
N TYR C 81 24.05 11.53 -13.79
CA TYR C 81 25.12 10.95 -12.98
C TYR C 81 26.01 10.01 -13.83
N GLY C 82 25.40 9.12 -14.61
CA GLY C 82 26.11 8.17 -15.45
C GLY C 82 26.98 8.84 -16.48
N GLU C 83 26.47 9.88 -17.12
CA GLU C 83 27.18 10.67 -18.14
C GLU C 83 28.33 11.49 -17.55
N LEU C 84 28.07 12.15 -16.40
CA LEU C 84 29.05 12.98 -15.69
C LEU C 84 30.22 12.14 -15.13
N ARG C 85 29.91 11.02 -14.47
CA ARG C 85 30.94 10.13 -13.90
C ARG C 85 31.85 9.60 -14.99
N THR C 86 31.29 9.16 -16.13
CA THR C 86 32.06 8.64 -17.27
C THR C 86 33.01 9.71 -17.83
N GLU C 87 32.48 10.94 -18.05
CA GLU C 87 33.24 12.05 -18.58
C GLU C 87 34.39 12.46 -17.65
N LEU C 88 34.13 12.59 -16.34
CA LEU C 88 35.14 12.97 -15.35
C LEU C 88 36.26 11.97 -15.27
N GLU C 89 35.91 10.67 -15.32
CA GLU C 89 36.89 9.58 -15.27
C GLU C 89 37.74 9.55 -16.53
N GLN C 90 37.11 9.78 -17.69
CA GLN C 90 37.78 9.85 -19.00
C GLN C 90 38.84 10.95 -19.01
N LYS C 91 38.56 12.10 -18.35
CA LYS C 91 39.49 13.25 -18.32
C LYS C 91 40.49 13.14 -17.14
N GLY C 92 40.40 12.09 -16.32
CA GLY C 92 41.25 11.93 -15.14
C GLY C 92 40.94 12.92 -14.02
N LEU C 93 39.68 13.36 -13.92
CA LEU C 93 39.24 14.33 -12.92
C LEU C 93 38.61 13.64 -11.73
N ILE C 94 39.23 13.84 -10.56
CA ILE C 94 38.83 13.27 -9.28
C ILE C 94 37.72 14.09 -8.67
N ILE C 95 36.68 13.40 -8.21
CA ILE C 95 35.51 13.93 -7.52
C ILE C 95 35.03 12.86 -6.52
N GLY C 96 34.72 13.32 -5.29
CA GLY C 96 34.23 12.48 -4.22
C GLY C 96 32.87 11.92 -4.58
N ASN C 97 32.54 10.72 -4.05
CA ASN C 97 31.30 10.05 -4.33
C ASN C 97 30.04 10.93 -4.15
N ASN C 98 29.95 11.65 -3.02
CA ASN C 98 28.79 12.44 -2.68
C ASN C 98 28.67 13.69 -3.52
N ASP C 99 29.79 14.39 -3.74
CA ASP C 99 29.88 15.58 -4.58
C ASP C 99 29.43 15.30 -6.00
N LEU C 100 29.74 14.11 -6.52
CA LEU C 100 29.36 13.63 -7.84
C LEU C 100 27.82 13.46 -7.92
N LEU C 101 27.20 12.93 -6.86
CA LEU C 101 25.76 12.75 -6.77
C LEU C 101 25.05 14.12 -6.63
N ILE C 102 25.61 15.01 -5.77
CA ILE C 102 25.09 16.37 -5.51
C ILE C 102 25.14 17.23 -6.79
N ALA C 103 26.24 17.16 -7.55
CA ALA C 103 26.45 17.88 -8.81
C ALA C 103 25.44 17.42 -9.85
N SER C 104 25.23 16.11 -10.01
CA SER C 104 24.31 15.46 -10.96
C SER C 104 22.87 15.85 -10.67
N HIS C 105 22.57 16.03 -9.36
CA HIS C 105 21.27 16.42 -8.88
C HIS C 105 20.97 17.83 -9.32
N ALA C 106 21.94 18.75 -9.16
CA ALA C 106 21.75 20.14 -9.60
C ALA C 106 21.56 20.17 -11.11
N ILE C 107 22.43 19.46 -11.86
CA ILE C 107 22.34 19.37 -13.32
C ILE C 107 20.93 18.91 -13.72
N ALA C 108 20.42 17.78 -13.13
CA ALA C 108 19.08 17.22 -13.39
C ALA C 108 17.97 18.22 -13.14
N GLU C 109 18.08 19.03 -12.06
CA GLU C 109 17.09 20.03 -11.65
C GLU C 109 17.28 21.38 -12.34
N ASN C 110 18.37 21.53 -13.11
CA ASN C 110 18.77 22.76 -13.82
C ASN C 110 18.93 23.90 -12.81
N ALA C 111 19.60 23.56 -11.67
CA ALA C 111 19.79 24.45 -10.53
C ALA C 111 21.18 25.01 -10.46
N THR C 112 21.32 26.13 -9.75
CA THR C 112 22.61 26.75 -9.46
C THR C 112 23.15 26.07 -8.18
N LEU C 113 24.35 25.49 -8.26
CA LEU C 113 24.95 24.87 -7.09
C LEU C 113 25.79 25.91 -6.35
N VAL C 114 25.43 26.18 -5.10
CA VAL C 114 26.10 27.13 -4.21
C VAL C 114 27.28 26.43 -3.50
N THR C 115 28.49 26.89 -3.79
CA THR C 115 29.73 26.31 -3.27
C THR C 115 30.56 27.22 -2.38
N ASN C 116 31.36 26.58 -1.54
CA ASN C 116 32.25 27.21 -0.56
C ASN C 116 33.66 27.25 -1.14
N ASN C 117 34.15 26.07 -1.57
CA ASN C 117 35.45 25.84 -2.18
C ASN C 117 35.25 25.65 -3.68
N ILE C 118 35.80 26.60 -4.46
CA ILE C 118 35.76 26.70 -5.93
C ILE C 118 36.14 25.38 -6.64
N LYS C 119 37.40 24.93 -6.49
CA LYS C 119 37.93 23.71 -7.11
C LYS C 119 37.73 22.52 -6.19
N PHE C 121 34.43 21.70 -7.55
CA PHE C 121 33.33 21.70 -8.50
C PHE C 121 33.64 22.45 -9.81
N LYS C 122 34.71 23.26 -9.80
CA LYS C 122 35.15 24.11 -10.91
C LYS C 122 35.26 23.40 -12.27
N ARG C 123 35.53 22.08 -12.29
CA ARG C 123 35.77 21.44 -13.58
C ARG C 123 34.73 20.50 -14.14
N ILE C 124 33.54 20.51 -13.55
CA ILE C 124 32.39 19.68 -13.90
C ILE C 124 31.59 20.29 -15.06
N PRO C 125 31.43 19.57 -16.20
CA PRO C 125 30.70 20.17 -17.33
C PRO C 125 29.19 20.27 -17.09
N ASN C 126 28.57 21.29 -17.71
CA ASN C 126 27.11 21.56 -17.67
C ASN C 126 26.58 21.92 -16.27
N LEU C 127 27.48 22.27 -15.32
CA LEU C 127 27.09 22.65 -13.96
C LEU C 127 27.17 24.14 -13.72
N ILE C 128 26.03 24.74 -13.32
CA ILE C 128 25.95 26.16 -12.96
C ILE C 128 26.35 26.27 -11.48
N LEU C 129 27.35 27.12 -11.20
CA LEU C 129 27.89 27.38 -9.86
C LEU C 129 27.82 28.85 -9.46
N GLU C 130 27.83 29.09 -8.13
CA GLU C 130 27.87 30.38 -7.48
C GLU C 130 28.70 30.22 -6.21
N ASN C 131 29.75 31.04 -6.05
CA ASN C 131 30.65 30.95 -4.91
C ASN C 131 30.40 32.01 -3.85
N TRP C 132 30.31 31.58 -2.58
CA TRP C 132 30.09 32.48 -1.43
C TRP C 132 31.33 32.54 -0.52
N ASP C 133 31.70 33.78 -0.13
CA ASP C 133 32.84 34.12 0.72
C ASP C 133 32.39 34.94 1.93
N MET D 1 6.30 -8.46 0.82
CA MET D 1 7.21 -7.40 1.26
C MET D 1 8.00 -6.74 0.10
N ILE D 2 8.94 -5.83 0.41
CA ILE D 2 9.80 -5.16 -0.59
C ILE D 2 11.14 -5.87 -0.66
N TYR D 3 11.56 -6.24 -1.87
CA TYR D 3 12.86 -6.82 -2.14
C TYR D 3 13.62 -5.81 -2.95
N MET D 4 14.72 -5.30 -2.39
CA MET D 4 15.63 -4.33 -2.99
C MET D 4 16.90 -5.00 -3.49
N LEU D 5 17.11 -4.94 -4.82
CA LEU D 5 18.27 -5.55 -5.46
C LEU D 5 19.48 -4.65 -5.38
N GLY D 6 20.64 -5.24 -5.06
CA GLY D 6 21.92 -4.56 -5.00
C GLY D 6 22.47 -4.41 -6.40
N THR D 7 23.51 -3.58 -6.55
CA THR D 7 24.09 -3.28 -7.85
C THR D 7 24.62 -4.52 -8.57
N ASN D 8 25.41 -5.34 -7.84
CA ASN D 8 26.02 -6.56 -8.37
C ASN D 8 25.01 -7.59 -8.86
N ILE D 9 23.85 -7.72 -8.17
CA ILE D 9 22.76 -8.62 -8.58
C ILE D 9 22.23 -8.17 -9.96
N CYS D 10 21.98 -6.85 -10.11
CA CYS D 10 21.49 -6.24 -11.35
C CYS D 10 22.48 -6.43 -12.53
N VAL D 11 23.79 -6.09 -12.31
CA VAL D 11 24.87 -6.23 -13.31
C VAL D 11 24.96 -7.70 -13.79
N TYR D 12 24.95 -8.66 -12.87
CA TYR D 12 25.00 -10.08 -13.24
C TYR D 12 23.76 -10.54 -14.01
N ALA D 13 22.57 -10.03 -13.63
CA ALA D 13 21.30 -10.33 -14.30
C ALA D 13 21.34 -9.86 -15.76
N ILE D 14 21.77 -8.58 -15.99
CA ILE D 14 21.88 -8.01 -17.34
C ILE D 14 22.99 -8.71 -18.18
N ASN D 15 24.19 -8.89 -17.62
CA ASN D 15 25.27 -9.52 -18.34
C ASN D 15 25.12 -11.01 -18.58
N LYS D 16 24.86 -11.79 -17.50
CA LYS D 16 24.83 -13.25 -17.56
C LYS D 16 23.44 -13.89 -17.62
N HIS D 17 22.35 -13.10 -17.36
CA HIS D 17 20.95 -13.56 -17.36
C HIS D 17 20.79 -15.04 -16.88
N PRO D 18 21.20 -15.36 -15.62
CA PRO D 18 21.09 -16.75 -15.15
C PRO D 18 19.66 -17.15 -14.88
N ASP D 19 19.32 -18.42 -15.15
CA ASP D 19 17.99 -19.00 -14.94
C ASP D 19 17.56 -18.87 -13.49
N SER D 20 18.55 -19.04 -12.56
CA SER D 20 18.40 -19.00 -11.10
C SER D 20 17.83 -17.68 -10.60
N TYR D 21 18.28 -16.57 -11.21
CA TYR D 21 17.88 -15.20 -10.93
C TYR D 21 16.47 -14.93 -11.44
N TYR D 22 16.19 -15.42 -12.69
CA TYR D 22 14.88 -15.36 -13.35
C TYR D 22 13.88 -16.06 -12.46
N ASN D 23 14.20 -17.33 -12.08
CA ASN D 23 13.36 -18.21 -11.26
C ASN D 23 12.96 -17.43 -10.01
N ASN D 24 13.97 -16.92 -9.27
CA ASN D 24 13.82 -16.10 -8.07
C ASN D 24 12.88 -14.91 -8.26
N LEU D 25 13.11 -14.11 -9.33
CA LEU D 25 12.30 -12.93 -9.67
C LEU D 25 10.86 -13.24 -10.07
N GLU D 26 10.61 -14.38 -10.75
CA GLU D 26 9.26 -14.80 -11.16
C GLU D 26 8.46 -15.29 -9.95
N LEU D 27 9.17 -15.85 -8.96
CA LEU D 27 8.59 -16.40 -7.75
C LEU D 27 8.25 -15.30 -6.75
N LEU D 28 9.20 -14.40 -6.47
CA LEU D 28 9.01 -13.30 -5.52
C LEU D 28 8.00 -12.27 -5.98
N ALA D 29 7.97 -11.97 -7.30
CA ALA D 29 7.07 -10.97 -7.91
C ALA D 29 5.59 -11.30 -7.74
N LYS D 30 5.25 -12.59 -7.52
CA LYS D 30 3.88 -13.04 -7.33
C LYS D 30 3.22 -12.46 -6.07
N ASN D 31 3.97 -12.32 -4.95
CA ASN D 31 3.41 -11.78 -3.71
C ASN D 31 4.19 -10.61 -3.09
N ASN D 32 5.30 -10.21 -3.72
CA ASN D 32 6.16 -9.15 -3.22
C ASN D 32 6.48 -8.11 -4.29
N THR D 33 7.07 -6.98 -3.87
CA THR D 33 7.49 -5.89 -4.73
C THR D 33 9.00 -5.97 -4.96
N ILE D 34 9.40 -6.04 -6.24
CA ILE D 34 10.79 -6.02 -6.64
C ILE D 34 11.12 -4.57 -6.98
N ALA D 35 12.13 -4.03 -6.31
CA ALA D 35 12.51 -2.63 -6.44
C ALA D 35 14.02 -2.41 -6.31
N ILE D 36 14.51 -1.22 -6.74
CA ILE D 36 15.90 -0.79 -6.60
C ILE D 36 15.93 0.65 -6.11
N SER D 37 16.98 0.99 -5.40
CA SER D 37 17.23 2.36 -4.96
C SER D 37 17.63 3.18 -6.19
N SER D 38 17.36 4.49 -6.18
CA SER D 38 17.81 5.40 -7.24
C SER D 38 19.37 5.46 -7.22
N ILE D 39 20.00 5.02 -6.11
CA ILE D 39 21.46 4.93 -5.97
C ILE D 39 21.98 3.79 -6.85
N VAL D 40 21.28 2.64 -6.87
CA VAL D 40 21.61 1.49 -7.72
C VAL D 40 21.48 1.93 -9.18
N LEU D 41 20.36 2.60 -9.53
CA LEU D 41 20.12 3.06 -10.89
C LEU D 41 21.19 4.03 -11.37
N ALA D 42 21.69 4.89 -10.46
CA ALA D 42 22.77 5.84 -10.76
C ALA D 42 24.00 5.03 -11.20
N GLU D 43 24.33 3.93 -10.44
CA GLU D 43 25.46 3.06 -10.73
C GLU D 43 25.26 2.30 -12.05
N LEU D 44 24.05 1.79 -12.30
CA LEU D 44 23.73 1.03 -13.52
C LEU D 44 23.79 1.92 -14.76
N GLN D 45 23.29 3.18 -14.65
CA GLN D 45 23.39 4.16 -15.73
C GLN D 45 24.86 4.49 -16.03
N TYR D 46 25.71 4.55 -14.99
CA TYR D 46 27.14 4.77 -15.19
C TYR D 46 27.77 3.58 -15.94
N GLY D 47 27.32 2.35 -15.63
CA GLY D 47 27.77 1.13 -16.32
C GLY D 47 27.49 1.19 -17.80
N VAL D 48 26.30 1.68 -18.17
CA VAL D 48 25.84 1.87 -19.54
C VAL D 48 26.69 2.93 -20.27
N SER D 49 26.79 4.15 -19.69
CA SER D 49 27.54 5.28 -20.27
C SER D 49 29.03 4.98 -20.53
N LYS D 50 29.63 4.20 -19.63
CA LYS D 50 31.04 3.80 -19.67
C LYS D 50 31.30 2.77 -20.78
N SER D 51 30.28 1.95 -21.10
CA SER D 51 30.34 0.82 -22.00
C SER D 51 30.59 1.07 -23.47
N LYS D 52 31.21 0.08 -24.14
CA LYS D 52 31.49 0.10 -25.57
C LYS D 52 30.17 -0.07 -26.33
N LYS D 53 29.29 -0.97 -25.85
CA LYS D 53 27.98 -1.22 -26.47
C LYS D 53 26.88 -0.43 -25.71
N LYS D 54 27.03 0.91 -25.63
CA LYS D 54 26.13 1.85 -24.93
C LYS D 54 24.63 1.67 -25.23
N GLU D 55 24.29 1.62 -26.54
CA GLU D 55 22.92 1.52 -27.08
C GLU D 55 22.23 0.22 -26.68
N GLN D 56 22.93 -0.92 -26.83
CA GLN D 56 22.48 -2.26 -26.48
C GLN D 56 22.32 -2.40 -24.98
N ASN D 57 23.32 -1.94 -24.21
CA ASN D 57 23.31 -2.00 -22.74
C ASN D 57 22.22 -1.14 -22.13
N GLN D 58 21.84 -0.01 -22.81
CA GLN D 58 20.72 0.83 -22.35
C GLN D 58 19.43 0.06 -22.56
N SER D 59 19.26 -0.54 -23.76
CA SER D 59 18.11 -1.38 -24.14
C SER D 59 17.86 -2.50 -23.14
N LYS D 60 18.92 -3.25 -22.78
CA LYS D 60 18.91 -4.33 -21.80
C LYS D 60 18.52 -3.83 -20.41
N LEU D 61 19.10 -2.69 -19.94
CA LEU D 61 18.73 -2.10 -18.62
C LEU D 61 17.26 -1.65 -18.65
N ASP D 62 16.81 -1.02 -19.77
CA ASP D 62 15.40 -0.56 -19.92
C ASP D 62 14.42 -1.72 -19.75
N ILE D 63 14.72 -2.89 -20.38
CA ILE D 63 13.94 -4.14 -20.30
C ILE D 63 13.94 -4.67 -18.86
N PHE D 64 15.11 -4.65 -18.21
CA PHE D 64 15.29 -5.10 -16.84
C PHE D 64 14.44 -4.28 -15.85
N LEU D 65 14.37 -2.96 -16.07
CA LEU D 65 13.62 -2.00 -15.23
C LEU D 65 12.12 -2.02 -15.44
N SER D 66 11.65 -2.60 -16.56
CA SER D 66 10.21 -2.67 -16.88
C SER D 66 9.38 -3.35 -15.82
N ARG D 67 9.91 -4.37 -15.12
CA ARG D 67 9.16 -5.03 -14.06
C ARG D 67 9.71 -4.65 -12.67
N LEU D 68 10.29 -3.44 -12.57
CA LEU D 68 10.92 -2.91 -11.35
C LEU D 68 10.36 -1.58 -10.87
N GLU D 69 10.40 -1.35 -9.54
CA GLU D 69 10.03 -0.07 -8.96
C GLU D 69 11.34 0.67 -8.59
N ILE D 70 11.53 1.90 -9.09
CA ILE D 70 12.71 2.70 -8.73
C ILE D 70 12.31 3.60 -7.54
N ILE D 71 12.90 3.37 -6.38
CA ILE D 71 12.58 4.12 -5.16
C ILE D 71 13.63 5.21 -4.95
N ASP D 72 13.16 6.45 -4.81
CA ASP D 72 13.99 7.63 -4.62
C ASP D 72 14.69 7.61 -3.26
N PHE D 73 15.97 8.04 -3.21
CA PHE D 73 16.70 8.09 -1.93
C PHE D 73 16.16 9.32 -1.21
N SER D 74 15.29 9.08 -0.23
CA SER D 74 14.53 10.14 0.43
C SER D 74 15.11 10.67 1.73
N ALA D 75 14.48 11.76 2.24
CA ALA D 75 14.84 12.42 3.49
C ALA D 75 14.76 11.48 4.68
N LYS D 76 13.78 10.53 4.67
CA LYS D 76 13.67 9.53 5.72
C LYS D 76 14.93 8.63 5.86
N CYS D 77 15.67 8.40 4.74
CA CYS D 77 16.85 7.53 4.64
C CYS D 77 18.06 8.11 5.35
N THR D 78 18.15 9.43 5.39
CA THR D 78 19.30 10.19 5.91
C THR D 78 19.66 9.91 7.35
N PHE D 79 18.65 9.80 8.23
CA PHE D 79 18.89 9.48 9.64
C PHE D 79 19.55 8.11 9.79
N TYR D 80 19.06 7.11 9.03
CA TYR D 80 19.59 5.73 9.03
C TYR D 80 20.99 5.70 8.48
N TYR D 81 21.27 6.46 7.39
CA TYR D 81 22.62 6.56 6.83
C TYR D 81 23.63 7.08 7.84
N GLY D 82 23.29 8.18 8.52
CA GLY D 82 24.13 8.81 9.52
C GLY D 82 24.48 7.90 10.67
N GLU D 83 23.47 7.15 11.18
CA GLU D 83 23.61 6.19 12.27
C GLU D 83 24.43 4.97 11.86
N LEU D 84 24.17 4.42 10.66
CA LEU D 84 24.85 3.25 10.11
C LEU D 84 26.35 3.55 9.82
N ARG D 85 26.65 4.67 9.16
CA ARG D 85 28.02 5.08 8.84
C ARG D 85 28.84 5.25 10.10
N THR D 86 28.29 5.92 11.13
CA THR D 86 28.95 6.14 12.42
C THR D 86 29.25 4.82 13.12
N GLU D 87 28.24 3.92 13.19
CA GLU D 87 28.38 2.61 13.81
C GLU D 87 29.43 1.74 13.13
N LEU D 88 29.42 1.67 11.77
CA LEU D 88 30.40 0.89 11.00
C LEU D 88 31.82 1.37 11.21
N GLU D 89 32.01 2.70 11.24
CA GLU D 89 33.31 3.33 11.47
C GLU D 89 33.80 3.06 12.90
N GLN D 90 32.89 3.11 13.89
CA GLN D 90 33.16 2.83 15.30
C GLN D 90 33.68 1.40 15.49
N LYS D 91 33.12 0.42 14.73
CA LYS D 91 33.52 -0.99 14.81
C LYS D 91 34.72 -1.31 13.89
N GLY D 92 35.22 -0.32 13.17
CA GLY D 92 36.34 -0.46 12.25
C GLY D 92 36.05 -1.26 11.01
N LEU D 93 34.77 -1.36 10.63
CA LEU D 93 34.44 -2.10 9.43
C LEU D 93 34.15 -1.19 8.22
N ILE D 94 34.76 -1.57 7.09
CA ILE D 94 34.72 -0.80 5.86
C ILE D 94 33.85 -1.34 4.74
N ILE D 95 32.85 -0.55 4.40
CA ILE D 95 31.84 -0.75 3.38
C ILE D 95 32.01 0.32 2.28
N GLY D 96 31.70 -0.07 1.04
CA GLY D 96 31.72 0.84 -0.10
C GLY D 96 30.72 1.95 0.08
N ASN D 97 31.14 3.20 -0.27
CA ASN D 97 30.37 4.43 -0.19
C ASN D 97 28.94 4.37 -0.78
N ASN D 98 28.75 3.74 -1.98
CA ASN D 98 27.44 3.56 -2.60
C ASN D 98 26.67 2.44 -1.88
N ASP D 99 27.36 1.35 -1.54
CA ASP D 99 26.80 0.22 -0.79
C ASP D 99 26.24 0.66 0.55
N LEU D 100 26.88 1.65 1.19
CA LEU D 100 26.46 2.23 2.45
C LEU D 100 25.15 3.00 2.28
N LEU D 101 24.98 3.73 1.16
CA LEU D 101 23.73 4.43 0.82
C LEU D 101 22.61 3.42 0.48
N ILE D 102 22.93 2.40 -0.32
CA ILE D 102 22.02 1.33 -0.74
C ILE D 102 21.50 0.52 0.46
N ALA D 103 22.38 0.18 1.42
CA ALA D 103 22.07 -0.55 2.66
C ALA D 103 21.12 0.27 3.56
N SER D 104 21.47 1.55 3.79
CA SER D 104 20.68 2.50 4.59
C SER D 104 19.29 2.78 3.97
N HIS D 105 19.15 2.60 2.65
CA HIS D 105 17.88 2.75 1.94
C HIS D 105 17.00 1.51 2.21
N ALA D 106 17.61 0.31 2.19
CA ALA D 106 16.93 -0.98 2.50
C ALA D 106 16.43 -0.98 3.95
N ILE D 107 17.23 -0.43 4.89
CA ILE D 107 16.88 -0.28 6.31
C ILE D 107 15.69 0.69 6.46
N ALA D 108 15.75 1.85 5.78
CA ALA D 108 14.73 2.90 5.81
C ALA D 108 13.37 2.43 5.26
N GLU D 109 13.39 1.49 4.29
CA GLU D 109 12.20 0.93 3.65
C GLU D 109 11.75 -0.41 4.29
N ASN D 110 12.55 -0.95 5.25
CA ASN D 110 12.34 -2.23 5.94
C ASN D 110 12.27 -3.33 4.86
N ALA D 111 13.21 -3.29 3.92
CA ALA D 111 13.28 -4.18 2.76
C ALA D 111 14.37 -5.22 2.89
N THR D 112 14.24 -6.31 2.13
CA THR D 112 15.26 -7.36 2.05
C THR D 112 16.23 -6.92 0.94
N LEU D 113 17.52 -6.81 1.29
CA LEU D 113 18.54 -6.46 0.31
C LEU D 113 19.07 -7.76 -0.31
N VAL D 114 18.91 -7.91 -1.63
CA VAL D 114 19.38 -9.09 -2.37
C VAL D 114 20.82 -8.80 -2.87
N THR D 115 21.75 -9.62 -2.41
CA THR D 115 23.17 -9.49 -2.69
C THR D 115 23.78 -10.73 -3.38
N ASN D 116 25.07 -10.58 -3.79
CA ASN D 116 25.91 -11.60 -4.41
C ASN D 116 27.02 -12.01 -3.46
N ASN D 117 27.19 -11.26 -2.34
CA ASN D 117 28.18 -11.52 -1.28
C ASN D 117 27.64 -11.14 0.12
N ILE D 118 26.96 -12.10 0.79
CA ILE D 118 26.40 -11.93 2.14
C ILE D 118 27.49 -11.66 3.17
N LYS D 119 28.58 -12.45 3.14
CA LYS D 119 29.72 -12.32 4.05
C LYS D 119 30.62 -11.17 3.61
N PHE D 121 28.57 -8.02 3.72
CA PHE D 121 27.30 -7.34 4.00
C PHE D 121 26.62 -7.76 5.32
N LYS D 122 26.89 -8.99 5.83
CA LYS D 122 26.32 -9.59 7.05
C LYS D 122 26.62 -8.83 8.36
N ARG D 123 27.70 -8.04 8.37
CA ARG D 123 28.13 -7.27 9.53
C ARG D 123 27.24 -6.06 9.81
N ILE D 124 26.55 -5.54 8.76
CA ILE D 124 25.66 -4.38 8.83
C ILE D 124 24.46 -4.63 9.78
N PRO D 125 24.33 -3.85 10.88
CA PRO D 125 23.21 -4.07 11.81
C PRO D 125 21.86 -3.61 11.27
N ASN D 126 20.78 -4.30 11.70
CA ASN D 126 19.38 -4.04 11.34
C ASN D 126 19.05 -4.24 9.84
N LEU D 127 19.95 -4.92 9.09
CA LEU D 127 19.75 -5.16 7.66
C LEU D 127 19.36 -6.59 7.33
N ILE D 128 18.23 -6.75 6.64
CA ILE D 128 17.76 -8.04 6.17
C ILE D 128 18.40 -8.30 4.80
N LEU D 129 19.06 -9.45 4.66
CA LEU D 129 19.75 -9.86 3.44
C LEU D 129 19.28 -11.20 2.91
N GLU D 130 19.47 -11.42 1.60
CA GLU D 130 19.19 -12.66 0.88
C GLU D 130 20.26 -12.80 -0.21
N ASN D 131 20.95 -13.95 -0.24
CA ASN D 131 22.03 -14.19 -1.20
C ASN D 131 21.57 -15.11 -2.32
N TRP D 132 21.87 -14.72 -3.57
CA TRP D 132 21.54 -15.50 -4.77
C TRP D 132 22.82 -16.00 -5.46
N ASP D 133 22.85 -17.28 -5.82
CA ASP D 133 23.97 -17.92 -6.53
C ASP D 133 23.60 -18.19 -8.00
N ASN E 2 -7.03 -13.99 -26.71
CA ASN E 2 -5.60 -13.64 -26.70
C ASN E 2 -5.22 -12.60 -25.60
N LYS E 3 -4.29 -11.64 -25.89
CA LYS E 3 -3.74 -10.70 -24.91
C LYS E 3 -3.88 -9.22 -25.30
N ALA E 4 -3.85 -8.33 -24.32
CA ALA E 4 -3.98 -6.89 -24.51
C ALA E 4 -3.05 -6.15 -23.56
N LYS E 5 -2.42 -5.08 -24.04
CA LYS E 5 -1.50 -4.28 -23.23
C LYS E 5 -2.19 -3.18 -22.42
N ILE E 6 -1.64 -2.90 -21.23
CA ILE E 6 -2.08 -1.83 -20.33
C ILE E 6 -1.14 -0.66 -20.55
N PHE E 7 -1.69 0.54 -20.77
CA PHE E 7 -0.91 1.75 -20.99
C PHE E 7 -1.58 2.95 -20.26
N MET E 8 -0.91 4.10 -20.25
CA MET E 8 -1.47 5.32 -19.63
C MET E 8 -2.02 6.27 -20.68
N ASN E 9 -3.20 6.82 -20.40
CA ASN E 9 -3.88 7.84 -21.21
C ASN E 9 -4.24 8.91 -20.20
N GLY E 10 -3.51 10.02 -20.24
CA GLY E 10 -3.65 11.08 -19.26
C GLY E 10 -3.17 10.54 -17.92
N GLN E 11 -3.97 10.69 -16.87
CA GLN E 11 -3.65 10.16 -15.55
C GLN E 11 -4.43 8.87 -15.30
N SER E 12 -5.08 8.34 -16.36
CA SER E 12 -5.89 7.14 -16.32
C SER E 12 -5.14 5.97 -16.93
N GLN E 13 -5.47 4.76 -16.46
CA GLN E 13 -4.93 3.53 -16.99
C GLN E 13 -5.85 3.09 -18.13
N ALA E 14 -5.30 2.41 -19.15
CA ALA E 14 -6.14 1.96 -20.26
C ALA E 14 -5.68 0.62 -20.80
N VAL E 15 -6.58 -0.11 -21.45
CA VAL E 15 -6.32 -1.41 -22.07
C VAL E 15 -6.49 -1.25 -23.60
N ARG E 16 -5.48 -1.64 -24.36
CA ARG E 16 -5.55 -1.55 -25.81
C ARG E 16 -6.23 -2.80 -26.33
N LEU E 17 -7.42 -2.67 -26.92
CA LEU E 17 -8.17 -3.83 -27.39
C LEU E 17 -7.68 -4.39 -28.72
N PRO E 18 -7.53 -5.73 -28.85
CA PRO E 18 -7.23 -6.30 -30.19
C PRO E 18 -8.43 -6.04 -31.12
N LYS E 19 -8.18 -5.87 -32.44
CA LYS E 19 -9.20 -5.58 -33.46
C LYS E 19 -10.48 -6.46 -33.37
N GLU E 20 -10.31 -7.77 -33.17
CA GLU E 20 -11.44 -8.69 -33.06
C GLU E 20 -12.40 -8.39 -31.89
N PHE E 21 -11.91 -7.68 -30.84
CA PHE E 21 -12.70 -7.34 -29.65
C PHE E 21 -13.18 -5.89 -29.59
N ARG E 22 -13.11 -5.19 -30.72
CA ARG E 22 -13.56 -3.80 -30.83
C ARG E 22 -15.06 -3.66 -30.58
N PHE E 23 -15.43 -2.58 -29.89
CA PHE E 23 -16.81 -2.25 -29.57
C PHE E 23 -17.32 -1.20 -30.57
N SER E 24 -18.62 -1.22 -30.84
CA SER E 24 -19.22 -0.25 -31.75
C SER E 24 -19.92 0.85 -30.98
N VAL E 25 -19.79 0.83 -29.65
CA VAL E 25 -20.34 1.82 -28.72
C VAL E 25 -19.20 2.72 -28.18
N LYS E 26 -19.53 3.92 -27.67
CA LYS E 26 -18.58 4.90 -27.16
C LYS E 26 -18.31 4.77 -25.66
N GLU E 27 -19.17 4.04 -24.94
CA GLU E 27 -19.02 3.75 -23.52
C GLU E 27 -19.44 2.33 -23.15
N VAL E 28 -18.72 1.72 -22.22
CA VAL E 28 -19.01 0.35 -21.78
C VAL E 28 -19.29 0.27 -20.30
N SER E 29 -19.93 -0.81 -19.89
CA SER E 29 -20.22 -1.15 -18.51
C SER E 29 -19.01 -1.97 -17.99
N VAL E 30 -18.53 -1.66 -16.78
CA VAL E 30 -17.40 -2.36 -16.16
C VAL E 30 -17.91 -3.08 -14.93
N ILE E 31 -17.76 -4.40 -14.89
CA ILE E 31 -18.22 -5.26 -13.79
C ILE E 31 -17.08 -6.14 -13.26
N PRO E 32 -16.89 -6.25 -11.92
CA PRO E 32 -15.79 -7.13 -11.45
C PRO E 32 -16.11 -8.61 -11.61
N LEU E 33 -15.09 -9.44 -11.83
CA LEU E 33 -15.20 -10.90 -11.94
C LEU E 33 -13.86 -11.46 -11.51
N GLY E 34 -13.82 -11.96 -10.29
CA GLY E 34 -12.60 -12.44 -9.65
C GLY E 34 -11.61 -11.31 -9.54
N LYS E 35 -10.35 -11.55 -9.91
CA LYS E 35 -9.29 -10.54 -9.89
C LYS E 35 -9.39 -9.55 -11.09
N GLY E 36 -10.29 -9.81 -12.04
CA GLY E 36 -10.46 -9.03 -13.24
C GLY E 36 -11.81 -8.35 -13.42
N ILE E 37 -12.16 -8.10 -14.69
CA ILE E 37 -13.37 -7.34 -15.04
C ILE E 37 -14.03 -7.82 -16.31
N VAL E 38 -15.34 -7.54 -16.44
CA VAL E 38 -16.09 -7.75 -17.64
C VAL E 38 -16.38 -6.34 -18.20
N LEU E 39 -16.17 -6.16 -19.52
CA LEU E 39 -16.53 -4.94 -20.28
C LEU E 39 -17.63 -5.40 -21.22
N GLN E 40 -18.75 -4.70 -21.20
CA GLN E 40 -19.92 -5.06 -21.99
C GLN E 40 -20.71 -3.82 -22.40
N PRO E 41 -21.61 -3.91 -23.41
CA PRO E 41 -22.50 -2.74 -23.72
C PRO E 41 -23.34 -2.35 -22.50
N LEU E 42 -23.51 -1.04 -22.26
CA LEU E 42 -24.26 -0.52 -21.12
C LEU E 42 -25.75 -0.29 -21.43
N PRO E 43 -26.68 -1.10 -20.86
CA PRO E 43 -28.12 -0.83 -21.10
C PRO E 43 -28.47 0.51 -20.50
N ASN E 44 -29.24 1.35 -21.25
CA ASN E 44 -29.61 2.71 -20.82
C ASN E 44 -30.48 2.75 -19.57
N SER E 45 -31.24 1.67 -19.28
CA SER E 45 -32.21 1.68 -18.17
C SER E 45 -32.55 0.29 -17.72
N TRP E 46 -33.33 0.19 -16.63
CA TRP E 46 -33.75 -1.09 -16.03
C TRP E 46 -34.62 -1.94 -16.95
N LYS E 47 -35.41 -1.27 -17.83
CA LYS E 47 -36.25 -1.89 -18.85
C LYS E 47 -35.35 -2.58 -19.90
N ASP E 48 -34.29 -1.87 -20.37
CA ASP E 48 -33.30 -2.42 -21.29
C ASP E 48 -32.56 -3.62 -20.65
N VAL E 49 -32.23 -3.52 -19.34
CA VAL E 49 -31.55 -4.56 -18.55
C VAL E 49 -32.41 -5.84 -18.56
N PHE E 50 -33.72 -5.71 -18.26
CA PHE E 50 -34.66 -6.83 -18.21
C PHE E 50 -34.94 -7.41 -19.59
N GLN E 51 -34.95 -6.56 -20.62
CA GLN E 51 -35.15 -6.94 -22.02
C GLN E 51 -33.95 -7.70 -22.52
N GLU E 52 -32.74 -7.24 -22.19
CA GLU E 52 -31.47 -7.84 -22.56
C GLU E 52 -31.27 -9.22 -21.94
N MET E 53 -31.70 -9.40 -20.68
CA MET E 53 -31.62 -10.68 -19.96
C MET E 53 -32.61 -11.69 -20.59
N ALA E 54 -33.77 -11.20 -21.01
CA ALA E 54 -34.82 -12.01 -21.62
C ALA E 54 -34.39 -12.56 -22.99
N GLU E 55 -33.51 -11.82 -23.72
CA GLU E 55 -33.00 -12.21 -25.04
C GLU E 55 -32.03 -13.36 -24.92
N ILE E 56 -31.19 -13.37 -23.85
CA ILE E 56 -30.22 -14.42 -23.57
C ILE E 56 -30.91 -15.74 -23.28
N SER E 57 -31.94 -15.73 -22.41
CA SER E 57 -32.71 -16.92 -22.05
C SER E 57 -33.60 -17.44 -23.19
N SER E 58 -34.38 -16.55 -23.84
CA SER E 58 -35.30 -16.91 -24.92
C SER E 58 -34.64 -16.76 -26.30
N MET F 1 11.06 23.44 4.62
CA MET F 1 10.23 24.65 4.51
C MET F 1 8.77 24.30 4.83
N ASN F 2 8.50 23.02 5.13
CA ASN F 2 7.14 22.59 5.44
C ASN F 2 6.48 23.11 6.73
N LYS F 3 5.19 23.50 6.61
CA LYS F 3 4.36 24.08 7.66
C LYS F 3 3.11 23.25 7.96
N ALA F 4 2.71 23.29 9.23
CA ALA F 4 1.52 22.64 9.72
C ALA F 4 0.84 23.59 10.69
N LYS F 5 -0.51 23.66 10.60
CA LYS F 5 -1.31 24.52 11.44
C LYS F 5 -1.67 23.88 12.79
N ILE F 6 -1.69 24.72 13.83
CA ILE F 6 -2.10 24.36 15.18
C ILE F 6 -3.58 24.77 15.32
N PHE F 7 -4.41 23.85 15.83
CA PHE F 7 -5.84 24.09 16.01
C PHE F 7 -6.30 23.43 17.31
N MET F 8 -7.53 23.67 17.72
CA MET F 8 -8.10 23.08 18.94
C MET F 8 -9.04 21.94 18.61
N ASN F 9 -8.89 20.85 19.36
CA ASN F 9 -9.72 19.66 19.30
C ASN F 9 -10.12 19.41 20.73
N GLY F 10 -11.37 19.76 21.05
CA GLY F 10 -11.87 19.71 22.42
C GLY F 10 -11.15 20.76 23.21
N GLN F 11 -10.56 20.35 24.35
CA GLN F 11 -9.79 21.24 25.21
C GLN F 11 -8.27 21.02 25.00
N SER F 12 -7.95 20.25 23.95
CA SER F 12 -6.58 19.91 23.59
C SER F 12 -6.15 20.70 22.37
N GLN F 13 -4.85 20.94 22.28
CA GLN F 13 -4.23 21.56 21.13
C GLN F 13 -3.86 20.45 20.15
N ALA F 14 -3.91 20.71 18.85
CA ALA F 14 -3.55 19.69 17.85
C ALA F 14 -2.80 20.30 16.69
N VAL F 15 -2.00 19.48 15.99
CA VAL F 15 -1.23 19.88 14.79
C VAL F 15 -1.79 19.13 13.59
N ARG F 16 -2.20 19.84 12.53
CA ARG F 16 -2.75 19.21 11.34
C ARG F 16 -1.58 18.81 10.45
N LEU F 17 -1.36 17.50 10.27
CA LEU F 17 -0.23 17.01 9.51
C LEU F 17 -0.41 17.11 8.00
N PRO F 18 0.62 17.62 7.25
CA PRO F 18 0.54 17.57 5.77
C PRO F 18 0.53 16.10 5.33
N LYS F 19 -0.16 15.77 4.19
CA LYS F 19 -0.29 14.41 3.63
C LYS F 19 1.02 13.63 3.55
N GLU F 20 2.13 14.26 3.17
CA GLU F 20 3.44 13.60 3.09
C GLU F 20 3.97 13.10 4.44
N PHE F 21 3.49 13.68 5.56
CA PHE F 21 3.92 13.29 6.89
C PHE F 21 2.91 12.45 7.68
N ARG F 22 1.95 11.86 6.97
CA ARG F 22 0.93 11.01 7.58
C ARG F 22 1.55 9.75 8.16
N PHE F 23 1.02 9.34 9.32
CA PHE F 23 1.47 8.14 10.03
C PHE F 23 0.52 7.00 9.69
N SER F 24 1.04 5.76 9.70
CA SER F 24 0.22 4.57 9.45
C SER F 24 -0.14 3.90 10.76
N VAL F 25 0.26 4.52 11.89
CA VAL F 25 -0.02 4.06 13.26
C VAL F 25 -1.07 5.00 13.90
N LYS F 26 -1.71 4.58 15.00
CA LYS F 26 -2.75 5.43 15.62
C LYS F 26 -2.20 6.18 16.84
N GLU F 27 -0.98 5.81 17.26
CA GLU F 27 -0.29 6.39 18.38
C GLU F 27 1.16 6.68 18.01
N VAL F 28 1.72 7.75 18.59
CA VAL F 28 3.12 8.14 18.39
C VAL F 28 3.78 8.49 19.70
N SER F 29 5.10 8.36 19.72
CA SER F 29 5.94 8.72 20.86
C SER F 29 6.25 10.24 20.73
N VAL F 30 6.18 11.00 21.80
CA VAL F 30 6.51 12.43 21.78
C VAL F 30 7.68 12.67 22.71
N ILE F 31 8.79 13.18 22.17
CA ILE F 31 10.02 13.45 22.91
C ILE F 31 10.51 14.90 22.65
N PRO F 32 10.89 15.68 23.68
CA PRO F 32 11.39 17.04 23.41
C PRO F 32 12.79 17.05 22.75
N LEU F 33 13.05 18.07 21.93
CA LEU F 33 14.33 18.26 21.24
C LEU F 33 14.46 19.76 20.99
N GLY F 34 15.25 20.42 21.82
CA GLY F 34 15.42 21.87 21.76
C GLY F 34 14.08 22.54 22.04
N LYS F 35 13.71 23.52 21.19
CA LYS F 35 12.43 24.25 21.30
C LYS F 35 11.26 23.43 20.73
N GLY F 36 11.55 22.27 20.15
CA GLY F 36 10.53 21.42 19.53
C GLY F 36 10.35 20.03 20.09
N ILE F 37 9.78 19.14 19.28
CA ILE F 37 9.49 17.76 19.65
C ILE F 37 9.73 16.78 18.51
N VAL F 38 10.05 15.54 18.86
CA VAL F 38 10.18 14.45 17.89
C VAL F 38 8.94 13.56 18.06
N LEU F 39 8.30 13.18 16.94
CA LEU F 39 7.17 12.28 16.90
C LEU F 39 7.65 11.05 16.11
N GLN F 40 7.50 9.85 16.69
CA GLN F 40 7.94 8.60 16.04
C GLN F 40 6.82 7.55 16.10
N PRO F 41 6.62 6.71 15.04
CA PRO F 41 5.53 5.70 15.10
C PRO F 41 5.63 4.75 16.30
N LEU F 42 4.57 4.71 17.11
CA LEU F 42 4.50 3.88 18.31
C LEU F 42 3.36 2.84 18.26
N PRO F 43 3.56 1.71 17.52
CA PRO F 43 2.51 0.68 17.53
C PRO F 43 2.64 -0.23 18.76
N ASN F 44 1.50 -0.70 19.28
CA ASN F 44 1.42 -1.61 20.43
C ASN F 44 2.04 -2.93 19.97
N SER F 45 2.92 -3.54 20.77
CA SER F 45 3.52 -4.82 20.38
C SER F 45 2.49 -5.94 20.55
N TRP F 46 2.68 -7.10 19.88
CA TRP F 46 1.80 -8.24 20.11
C TRP F 46 1.87 -8.72 21.56
N LYS F 47 3.06 -8.54 22.22
CA LYS F 47 3.29 -8.88 23.64
C LYS F 47 2.38 -8.01 24.52
N ASP F 48 2.32 -6.68 24.22
CA ASP F 48 1.48 -5.70 24.92
C ASP F 48 0.01 -5.95 24.69
N VAL F 49 -0.34 -6.43 23.48
CA VAL F 49 -1.71 -6.78 23.09
C VAL F 49 -2.17 -7.92 24.00
N PHE F 50 -1.35 -8.99 24.09
CA PHE F 50 -1.62 -10.20 24.87
C PHE F 50 -1.62 -9.94 26.37
N GLN F 51 -0.76 -9.00 26.86
CA GLN F 51 -0.69 -8.59 28.27
C GLN F 51 -1.97 -7.82 28.67
N GLU F 52 -2.43 -6.88 27.81
CA GLU F 52 -3.63 -6.08 28.05
C GLU F 52 -4.90 -6.93 28.08
N MET F 53 -4.98 -7.99 27.24
CA MET F 53 -6.12 -8.93 27.19
C MET F 53 -6.13 -9.77 28.47
N ALA F 54 -4.93 -10.17 28.96
CA ALA F 54 -4.74 -10.98 30.17
C ALA F 54 -5.20 -10.24 31.43
N GLU F 55 -5.11 -8.88 31.44
CA GLU F 55 -5.52 -8.02 32.55
C GLU F 55 -7.06 -8.04 32.72
N ILE F 56 -7.78 -8.07 31.58
CA ILE F 56 -9.24 -8.09 31.52
C ILE F 56 -9.82 -9.45 31.93
N SER F 57 -10.77 -9.41 32.85
CA SER F 57 -11.46 -10.60 33.31
C SER F 57 -12.84 -10.68 32.68
N SER F 58 -13.16 -11.86 32.13
CA SER F 58 -14.42 -12.16 31.46
C SER F 58 -14.63 -13.66 31.29
N ASP F 59 -15.84 -14.06 30.84
CA ASP F 59 -16.16 -15.43 30.49
C ASP F 59 -15.63 -15.66 29.05
N ASP F 60 -15.37 -16.92 28.67
CA ASP F 60 -14.84 -17.26 27.36
C ASP F 60 -15.86 -17.03 26.25
N ILE F 61 -15.37 -16.61 25.08
CA ILE F 61 -16.14 -16.41 23.85
C ILE F 61 -16.31 -17.82 23.26
N PHE F 62 -17.51 -18.17 22.75
CA PHE F 62 -17.83 -19.51 22.19
C PHE F 62 -17.52 -20.67 23.19
N PRO F 63 -18.13 -20.69 24.41
CA PRO F 63 -17.79 -21.76 25.38
C PRO F 63 -18.16 -23.16 24.93
N GLU F 64 -19.24 -23.27 24.16
CA GLU F 64 -19.75 -24.52 23.59
C GLU F 64 -19.12 -24.76 22.21
N GLY F 65 -18.45 -23.74 21.67
CA GLY F 65 -17.81 -23.78 20.36
C GLY F 65 -18.55 -23.00 19.29
N ARG F 66 -18.04 -23.02 18.05
CA ARG F 66 -18.63 -22.33 16.91
C ARG F 66 -19.71 -23.17 16.23
N LYS F 67 -20.87 -22.56 15.97
CA LYS F 67 -21.99 -23.20 15.29
C LYS F 67 -22.00 -22.66 13.84
N ASP F 68 -21.08 -23.15 13.02
CA ASP F 68 -21.06 -22.71 11.63
C ASP F 68 -21.76 -23.76 10.76
N LEU F 69 -23.10 -23.65 10.62
CA LEU F 69 -23.90 -24.60 9.86
C LEU F 69 -23.65 -24.57 8.36
N PRO F 70 -23.71 -25.73 7.65
CA PRO F 70 -23.40 -25.71 6.21
C PRO F 70 -24.52 -25.07 5.42
N PRO F 71 -24.27 -24.49 4.23
CA PRO F 71 -25.40 -23.93 3.45
C PRO F 71 -26.23 -25.05 2.79
N GLN F 72 -27.46 -24.73 2.40
CA GLN F 72 -28.29 -25.70 1.69
C GLN F 72 -27.91 -25.70 0.19
N LYS F 73 -28.10 -26.85 -0.48
CA LYS F 73 -27.83 -27.00 -1.91
C LYS F 73 -28.92 -26.20 -2.65
N ARG F 74 -28.54 -25.12 -3.32
CA ARG F 74 -29.53 -24.31 -4.02
C ARG F 74 -29.40 -24.43 -5.53
N LYS F 75 -30.49 -24.35 -6.25
CA LYS F 75 -30.46 -24.46 -7.72
C LYS F 75 -31.03 -23.17 -8.27
N TYR F 76 -30.34 -22.04 -8.04
CA TYR F 76 -30.78 -20.69 -8.45
C TYR F 76 -31.08 -20.52 -9.93
N PHE F 77 -30.19 -20.97 -10.82
CA PHE F 77 -30.36 -20.77 -12.25
C PHE F 77 -30.39 -22.08 -13.02
N GLU F 78 -30.87 -22.03 -14.29
CA GLU F 78 -30.93 -23.17 -15.21
C GLU F 78 -29.67 -23.15 -16.08
N ASN G 2 6.27 11.33 26.19
CA ASN G 2 5.18 10.38 26.38
C ASN G 2 4.47 9.98 25.06
N LYS G 3 3.10 9.94 24.99
CA LYS G 3 2.35 9.50 23.81
C LYS G 3 1.31 10.52 23.33
N ALA G 4 1.06 10.54 22.03
CA ALA G 4 0.05 11.42 21.42
C ALA G 4 -0.75 10.62 20.40
N LYS G 5 -2.06 10.85 20.37
CA LYS G 5 -2.97 10.16 19.46
C LYS G 5 -3.09 10.86 18.11
N ILE G 6 -3.20 10.03 17.06
CA ILE G 6 -3.43 10.48 15.69
C ILE G 6 -4.94 10.34 15.44
N PHE G 7 -5.56 11.40 14.88
CA PHE G 7 -6.99 11.43 14.60
C PHE G 7 -7.25 12.17 13.28
N MET G 8 -8.48 12.16 12.80
CA MET G 8 -8.84 12.86 11.56
C MET G 8 -9.55 14.18 11.85
N ASN G 9 -9.15 15.21 11.12
CA ASN G 9 -9.74 16.55 11.15
C ASN G 9 -9.96 16.87 9.65
N GLY G 10 -11.23 16.82 9.24
CA GLY G 10 -11.58 16.94 7.83
C GLY G 10 -11.08 15.72 7.12
N GLN G 11 -10.33 15.90 6.03
CA GLN G 11 -9.71 14.81 5.26
C GLN G 11 -8.21 14.77 5.56
N SER G 12 -7.79 15.51 6.59
CA SER G 12 -6.43 15.60 7.05
C SER G 12 -6.23 14.80 8.31
N GLN G 13 -5.01 14.31 8.48
CA GLN G 13 -4.60 13.58 9.66
C GLN G 13 -4.07 14.60 10.67
N ALA G 14 -4.27 14.36 11.96
CA ALA G 14 -3.79 15.29 12.99
C ALA G 14 -3.26 14.58 14.20
N VAL G 15 -2.36 15.24 14.96
CA VAL G 15 -1.77 14.72 16.20
C VAL G 15 -2.26 15.57 17.37
N ARG G 16 -2.83 14.93 18.39
CA ARG G 16 -3.32 15.66 19.56
C ARG G 16 -2.18 15.80 20.53
N LEU G 17 -1.72 17.03 20.78
CA LEU G 17 -0.59 17.25 21.66
C LEU G 17 -0.90 17.20 23.12
N PRO G 18 -0.08 16.51 23.94
CA PRO G 18 -0.27 16.58 25.42
C PRO G 18 0.00 18.03 25.88
N LYS G 19 -0.68 18.47 26.96
CA LYS G 19 -0.58 19.84 27.52
C LYS G 19 0.86 20.38 27.68
N GLU G 20 1.78 19.55 28.19
CA GLU G 20 3.20 19.94 28.37
C GLU G 20 3.91 20.31 27.07
N PHE G 21 3.43 19.81 25.91
CA PHE G 21 4.03 20.07 24.60
C PHE G 21 3.30 21.09 23.74
N ARG G 22 2.36 21.83 24.33
CA ARG G 22 1.60 22.87 23.64
C ARG G 22 2.50 24.00 23.14
N PHE G 23 2.15 24.50 21.96
CA PHE G 23 2.87 25.59 21.30
C PHE G 23 2.10 26.88 21.54
N SER G 24 2.82 28.01 21.53
CA SER G 24 2.21 29.33 21.72
C SER G 24 2.06 30.05 20.35
N VAL G 25 2.41 29.34 19.26
CA VAL G 25 2.29 29.79 17.87
C VAL G 25 1.13 29.06 17.18
N LYS G 26 0.60 29.60 16.06
CA LYS G 26 -0.50 28.92 15.38
C LYS G 26 -0.07 28.11 14.14
N GLU G 27 1.25 28.03 13.92
CA GLU G 27 1.84 27.27 12.83
C GLU G 27 3.27 26.84 13.21
N VAL G 28 3.65 25.62 12.83
CA VAL G 28 4.96 25.02 13.15
C VAL G 28 5.71 24.54 11.92
N SER G 29 7.01 24.34 12.11
CA SER G 29 7.90 23.81 11.11
C SER G 29 7.87 22.28 11.27
N VAL G 30 7.68 21.55 10.15
CA VAL G 30 7.68 20.09 10.13
C VAL G 30 8.88 19.60 9.33
N ILE G 31 9.74 18.80 9.96
CA ILE G 31 10.97 18.28 9.38
C ILE G 31 11.06 16.75 9.53
N PRO G 32 11.36 15.97 8.47
CA PRO G 32 11.43 14.51 8.65
C PRO G 32 12.70 14.09 9.40
N LEU G 33 12.62 12.99 10.14
CA LEU G 33 13.74 12.42 10.90
C LEU G 33 13.43 10.93 11.04
N GLY G 34 14.10 10.13 10.20
CA GLY G 34 13.87 8.69 10.14
C GLY G 34 12.44 8.40 9.74
N LYS G 35 11.75 7.51 10.48
CA LYS G 35 10.35 7.13 10.24
C LYS G 35 9.36 8.23 10.76
N GLY G 36 9.89 9.26 11.41
CA GLY G 36 9.08 10.30 12.04
C GLY G 36 9.35 11.71 11.60
N ILE G 37 9.00 12.65 12.49
CA ILE G 37 9.08 14.07 12.21
C ILE G 37 9.45 14.87 13.44
N VAL G 38 10.04 16.06 13.21
CA VAL G 38 10.29 17.06 14.24
C VAL G 38 9.28 18.20 13.99
N LEU G 39 8.58 18.67 15.05
CA LEU G 39 7.70 19.85 15.03
C LEU G 39 8.39 20.87 15.94
N GLN G 40 8.61 22.08 15.41
CA GLN G 40 9.33 23.13 16.11
C GLN G 40 8.80 24.48 15.70
N PRO G 41 9.07 25.59 16.45
CA PRO G 41 8.62 26.90 15.98
C PRO G 41 9.34 27.19 14.66
N LEU G 42 8.68 27.92 13.76
CA LEU G 42 9.25 28.27 12.45
C LEU G 42 9.82 29.69 12.50
N PRO G 43 11.16 29.86 12.30
CA PRO G 43 11.73 31.22 12.31
C PRO G 43 11.21 32.00 11.11
N ASN G 44 10.86 33.27 11.34
CA ASN G 44 10.26 34.16 10.34
C ASN G 44 11.12 34.47 9.11
N SER G 45 12.45 34.32 9.22
CA SER G 45 13.43 34.62 8.18
C SER G 45 14.75 33.90 8.40
N TRP G 46 15.67 33.99 7.40
CA TRP G 46 17.00 33.39 7.43
C TRP G 46 17.90 33.96 8.53
N LYS G 47 17.70 35.25 8.90
CA LYS G 47 18.41 35.93 9.98
C LYS G 47 18.04 35.26 11.30
N ASP G 48 16.72 35.02 11.51
CA ASP G 48 16.20 34.37 12.71
C ASP G 48 16.64 32.91 12.77
N VAL G 49 16.85 32.26 11.62
CA VAL G 49 17.34 30.87 11.50
C VAL G 49 18.78 30.84 12.04
N PHE G 50 19.64 31.77 11.56
CA PHE G 50 21.04 31.89 11.90
C PHE G 50 21.25 32.32 13.35
N GLN G 51 20.36 33.17 13.89
CA GLN G 51 20.37 33.63 15.29
C GLN G 51 20.05 32.48 16.24
N GLU G 52 19.03 31.67 15.91
CA GLU G 52 18.60 30.51 16.70
C GLU G 52 19.67 29.40 16.78
N MET G 53 20.41 29.19 15.67
CA MET G 53 21.52 28.23 15.59
C MET G 53 22.70 28.72 16.44
N ALA G 54 22.97 30.05 16.44
CA ALA G 54 24.05 30.69 17.20
C ALA G 54 23.83 30.58 18.73
N GLU G 55 22.55 30.48 19.18
CA GLU G 55 22.17 30.33 20.58
C GLU G 55 22.55 28.94 21.10
N ILE G 56 22.44 27.93 20.25
CA ILE G 56 22.78 26.53 20.57
C ILE G 56 24.32 26.34 20.62
N SER G 57 24.84 25.90 21.77
CA SER G 57 26.27 25.63 21.96
C SER G 57 26.51 24.14 21.74
N SER G 58 27.41 23.81 20.81
CA SER G 58 27.75 22.43 20.50
C SER G 58 29.12 22.34 19.86
N ASP G 59 29.66 21.10 19.76
CA ASP G 59 30.91 20.85 19.05
C ASP G 59 30.63 20.94 17.54
N ASP G 60 31.65 21.30 16.75
CA ASP G 60 31.52 21.42 15.30
C ASP G 60 31.36 20.08 14.64
N ILE G 61 30.49 20.01 13.64
CA ILE G 61 30.27 18.79 12.84
C ILE G 61 31.42 18.78 11.81
N PHE G 62 31.95 17.58 11.49
CA PHE G 62 33.10 17.40 10.59
C PHE G 62 34.35 18.23 11.04
N PRO G 63 34.89 18.04 12.27
CA PRO G 63 36.03 18.88 12.72
C PRO G 63 37.30 18.67 11.92
N GLU G 64 37.49 17.45 11.42
CA GLU G 64 38.62 17.03 10.61
C GLU G 64 38.29 17.24 9.13
N GLY G 65 37.02 17.48 8.84
CA GLY G 65 36.53 17.71 7.48
C GLY G 65 35.71 16.56 6.92
N ARG G 66 35.31 16.68 5.66
CA ARG G 66 34.50 15.68 4.97
C ARG G 66 35.41 14.64 4.31
N LYS G 67 35.08 13.34 4.51
CA LYS G 67 35.84 12.21 3.94
C LYS G 67 35.08 11.71 2.72
N ASP G 68 35.03 12.52 1.65
CA ASP G 68 34.29 12.11 0.45
C ASP G 68 35.25 11.44 -0.54
N LEU G 69 35.44 10.11 -0.38
CA LEU G 69 36.37 9.34 -1.23
C LEU G 69 35.75 9.11 -2.61
N PRO G 70 36.54 8.84 -3.68
CA PRO G 70 35.94 8.60 -5.02
C PRO G 70 34.91 7.47 -5.07
N PRO G 71 33.96 7.44 -6.03
CA PRO G 71 32.95 6.36 -6.04
C PRO G 71 33.57 4.98 -6.09
N GLN G 72 32.93 4.00 -5.43
CA GLN G 72 33.47 2.65 -5.41
C GLN G 72 33.47 2.02 -6.80
N LYS G 73 34.48 1.17 -7.07
CA LYS G 73 34.59 0.52 -8.37
C LYS G 73 33.84 -0.81 -8.39
N ARG G 74 33.32 -1.15 -9.59
CA ARG G 74 32.62 -2.39 -9.87
C ARG G 74 32.90 -2.82 -11.31
N LYS G 75 32.73 -4.11 -11.57
CA LYS G 75 32.74 -4.66 -12.93
C LYS G 75 31.34 -4.25 -13.41
N TYR G 76 31.23 -3.83 -14.64
CA TYR G 76 29.88 -3.46 -15.10
C TYR G 76 29.55 -4.34 -16.28
N PHE G 77 29.37 -3.78 -17.47
CA PHE G 77 28.97 -4.58 -18.62
C PHE G 77 30.07 -5.10 -19.49
N GLU G 78 30.27 -6.44 -19.45
CA GLU G 78 31.30 -7.22 -20.15
C GLU G 78 32.75 -6.73 -19.93
N MET H 1 -22.32 -0.03 -11.17
CA MET H 1 -22.79 0.88 -12.20
C MET H 1 -21.58 1.59 -12.84
N ASN H 2 -20.37 0.96 -12.76
CA ASN H 2 -19.24 1.66 -13.39
C ASN H 2 -19.16 1.54 -14.92
N LYS H 3 -18.80 2.65 -15.54
CA LYS H 3 -18.73 2.82 -17.00
C LYS H 3 -17.31 3.23 -17.40
N ALA H 4 -16.90 2.88 -18.62
CA ALA H 4 -15.59 3.23 -19.13
C ALA H 4 -15.73 3.73 -20.57
N LYS H 5 -14.96 4.77 -20.93
CA LYS H 5 -14.97 5.29 -22.27
C LYS H 5 -14.04 4.52 -23.24
N ILE H 6 -14.49 4.35 -24.48
CA ILE H 6 -13.75 3.80 -25.58
C ILE H 6 -13.16 4.99 -26.35
N PHE H 7 -11.85 4.93 -26.68
CA PHE H 7 -11.16 5.97 -27.43
C PHE H 7 -10.15 5.33 -28.38
N MET H 8 -9.51 6.12 -29.25
CA MET H 8 -8.51 5.61 -30.19
C MET H 8 -7.10 5.93 -29.71
N ASN H 9 -6.22 4.94 -29.84
CA ASN H 9 -4.79 5.04 -29.52
C ASN H 9 -4.13 4.48 -30.77
N GLY H 10 -3.59 5.39 -31.59
CA GLY H 10 -3.02 5.03 -32.88
C GLY H 10 -4.12 4.53 -33.77
N GLN H 11 -3.95 3.32 -34.33
CA GLN H 11 -4.93 2.67 -35.19
C GLN H 11 -5.72 1.59 -34.42
N SER H 12 -5.51 1.57 -33.09
CA SER H 12 -6.15 0.64 -32.18
C SER H 12 -7.24 1.32 -31.38
N GLN H 13 -8.22 0.53 -30.96
CA GLN H 13 -9.28 0.97 -30.07
C GLN H 13 -8.80 0.72 -28.63
N ALA H 14 -9.21 1.57 -27.69
CA ALA H 14 -8.81 1.37 -26.31
C ALA H 14 -9.92 1.70 -25.34
N VAL H 15 -9.87 1.12 -24.13
CA VAL H 15 -10.84 1.38 -23.05
C VAL H 15 -10.11 2.06 -21.90
N ARG H 16 -10.62 3.21 -21.45
CA ARG H 16 -10.00 3.94 -20.34
C ARG H 16 -10.59 3.38 -19.06
N LEU H 17 -9.77 2.74 -18.24
CA LEU H 17 -10.25 2.11 -17.02
C LEU H 17 -10.52 3.06 -15.88
N PRO H 18 -11.66 2.95 -15.16
CA PRO H 18 -11.85 3.75 -13.94
C PRO H 18 -10.81 3.34 -12.90
N LYS H 19 -10.36 4.30 -12.02
CA LYS H 19 -9.36 4.06 -10.96
C LYS H 19 -9.56 2.79 -10.17
N GLU H 20 -10.81 2.51 -9.73
CA GLU H 20 -11.16 1.31 -8.96
CA GLU H 20 -11.10 1.32 -8.94
C GLU H 20 -10.81 0.00 -9.66
N PHE H 21 -10.77 -0.01 -11.01
CA PHE H 21 -10.50 -1.21 -11.80
C PHE H 21 -9.09 -1.28 -12.41
N ARG H 22 -8.17 -0.49 -11.87
CA ARG H 22 -6.78 -0.46 -12.34
C ARG H 22 -6.11 -1.79 -12.04
N PHE H 23 -5.26 -2.21 -12.97
CA PHE H 23 -4.46 -3.42 -12.89
C PHE H 23 -3.07 -3.06 -12.41
N SER H 24 -2.41 -3.99 -11.70
CA SER H 24 -1.06 -3.79 -11.19
C SER H 24 -0.11 -4.53 -12.09
N VAL H 25 -0.66 -5.10 -13.14
CA VAL H 25 0.11 -5.86 -14.10
C VAL H 25 0.21 -5.15 -15.46
N LYS H 26 0.98 -5.68 -16.39
CA LYS H 26 1.26 -5.07 -17.68
C LYS H 26 0.43 -5.56 -18.85
N GLU H 27 0.04 -6.84 -18.83
CA GLU H 27 -0.78 -7.48 -19.86
C GLU H 27 -1.96 -8.13 -19.17
N VAL H 28 -3.02 -8.40 -19.96
CA VAL H 28 -4.23 -9.04 -19.50
C VAL H 28 -4.69 -10.02 -20.58
N SER H 29 -5.40 -11.09 -20.19
CA SER H 29 -5.91 -11.99 -21.18
C SER H 29 -7.26 -11.42 -21.62
N VAL H 30 -7.67 -11.66 -22.87
CA VAL H 30 -8.97 -11.19 -23.40
C VAL H 30 -9.73 -12.38 -23.94
N ILE H 31 -10.92 -12.64 -23.38
CA ILE H 31 -11.79 -13.76 -23.74
C ILE H 31 -13.24 -13.26 -23.93
N PRO H 32 -13.94 -13.67 -25.02
CA PRO H 32 -15.34 -13.23 -25.20
C PRO H 32 -16.30 -13.85 -24.20
N LEU H 33 -17.35 -13.13 -23.83
CA LEU H 33 -18.42 -13.57 -22.93
C LEU H 33 -19.67 -12.79 -23.28
N GLY H 34 -20.58 -13.44 -24.00
CA GLY H 34 -21.82 -12.81 -24.47
C GLY H 34 -21.49 -11.68 -25.41
N LYS H 35 -22.12 -10.51 -25.19
CA LYS H 35 -21.87 -9.31 -25.98
C LYS H 35 -20.57 -8.58 -25.57
N GLY H 36 -19.87 -9.09 -24.57
CA GLY H 36 -18.65 -8.46 -24.09
C GLY H 36 -17.40 -9.32 -24.01
N ILE H 37 -16.49 -8.93 -23.13
CA ILE H 37 -15.19 -9.59 -22.95
C ILE H 37 -14.76 -9.60 -21.48
N VAL H 38 -14.01 -10.64 -21.07
CA VAL H 38 -13.46 -10.68 -19.72
C VAL H 38 -11.94 -10.48 -19.77
N LEU H 39 -11.44 -9.62 -18.87
CA LEU H 39 -10.05 -9.23 -18.77
C LEU H 39 -9.50 -9.75 -17.45
N GLN H 40 -8.50 -10.62 -17.52
CA GLN H 40 -7.83 -11.23 -16.36
C GLN H 40 -6.35 -10.88 -16.35
N PRO H 41 -5.79 -10.56 -15.17
CA PRO H 41 -4.35 -10.25 -15.11
C PRO H 41 -3.50 -11.47 -15.48
N LEU H 42 -2.47 -11.24 -16.27
CA LEU H 42 -1.44 -12.19 -16.70
C LEU H 42 -0.27 -12.01 -15.73
N PRO H 43 0.40 -13.03 -15.18
CA PRO H 43 1.52 -12.77 -14.23
C PRO H 43 2.59 -11.79 -14.75
N ASN H 44 3.04 -10.81 -13.91
CA ASN H 44 4.08 -9.83 -14.33
C ASN H 44 5.30 -10.63 -14.72
N SER H 45 5.39 -10.85 -16.02
CA SER H 45 6.36 -11.73 -16.62
C SER H 45 7.80 -11.27 -16.53
N TRP H 46 8.60 -12.04 -15.77
CA TRP H 46 10.04 -11.90 -15.68
C TRP H 46 10.69 -12.77 -16.77
N LYS H 47 9.91 -13.74 -17.28
CA LYS H 47 10.24 -14.66 -18.38
C LYS H 47 10.41 -13.84 -19.65
N ASP H 48 9.41 -12.98 -19.97
CA ASP H 48 9.39 -12.08 -21.13
C ASP H 48 10.61 -11.17 -21.19
N VAL H 49 11.05 -10.63 -20.04
CA VAL H 49 12.24 -9.75 -19.94
C VAL H 49 13.54 -10.54 -20.11
N PHE H 50 13.63 -11.74 -19.49
CA PHE H 50 14.82 -12.57 -19.61
C PHE H 50 15.00 -13.09 -21.04
N GLN H 51 13.90 -13.28 -21.78
CA GLN H 51 13.95 -13.73 -23.17
C GLN H 51 14.57 -12.64 -24.07
N GLU H 52 14.06 -11.39 -23.97
CA GLU H 52 14.62 -10.27 -24.73
C GLU H 52 16.03 -9.86 -24.28
N MET H 53 16.38 -10.05 -22.98
CA MET H 53 17.74 -9.76 -22.46
C MET H 53 18.77 -10.70 -23.12
N ALA H 54 18.36 -11.95 -23.35
CA ALA H 54 19.15 -13.01 -23.98
C ALA H 54 19.23 -12.79 -25.48
N GLU H 55 18.12 -12.28 -26.08
CA GLU H 55 18.03 -11.97 -27.50
C GLU H 55 19.04 -10.86 -27.89
N ILE H 56 19.09 -9.74 -27.13
CA ILE H 56 20.04 -8.63 -27.36
C ILE H 56 21.47 -9.15 -27.20
N SER H 57 21.64 -10.08 -26.24
CA SER H 57 22.83 -10.85 -25.81
C SER H 57 23.57 -10.23 -24.65
O1 MES K . -16.74 -8.72 -28.33
C2 MES K . -16.78 -8.67 -29.75
C3 MES K . -17.98 -7.79 -30.13
N4 MES K . -17.99 -6.48 -29.43
C5 MES K . -17.41 -6.51 -28.06
C6 MES K . -16.25 -7.47 -27.89
C7 MES K . -19.39 -6.03 -29.28
C8 MES K . -19.68 -4.71 -30.00
S MES K . -21.19 -3.90 -29.33
O1S MES K . -20.82 -2.85 -28.38
O2S MES K . -22.07 -3.38 -30.36
O3S MES K . -21.96 -4.95 -28.67
O1 MES L . 6.60 11.13 8.34
C2 MES L . 5.72 10.74 9.37
C3 MES L . 5.78 9.23 9.55
N4 MES L . 6.20 8.44 8.39
C5 MES L . 5.93 9.08 7.07
C6 MES L . 6.34 10.57 7.02
C7 MES L . 5.49 7.18 8.39
C8 MES L . 6.10 6.15 9.35
S MES L . 4.82 4.97 9.87
O1S MES L . 5.45 3.85 10.57
O2S MES L . 3.78 5.66 10.65
O3S MES L . 4.22 4.49 8.62
O1 MES M . 6.86 29.24 21.87
C2 MES M . 6.77 28.72 23.21
C3 MES M . 5.89 27.46 23.21
N4 MES M . 6.37 26.51 22.17
C5 MES M . 6.70 27.12 20.87
C6 MES M . 7.58 28.33 21.06
C7 MES M . 7.43 25.65 22.71
C8 MES M . 6.84 24.67 23.72
S MES M . 7.42 23.01 23.28
O1S MES M . 7.11 21.99 24.27
O2S MES M . 6.84 22.62 22.00
O3S MES M . 8.88 23.08 23.12
O1 MES N . -10.24 -4.69 -10.72
C2 MES N . -9.46 -4.96 -11.91
C3 MES N . -8.04 -5.57 -11.63
N4 MES N . -7.75 -5.69 -10.15
C5 MES N . -8.25 -4.61 -9.28
C6 MES N . -9.73 -4.33 -9.44
C7 MES N . -6.32 -5.94 -9.88
C8 MES N . -5.90 -7.32 -10.39
S MES N . -4.06 -7.36 -10.46
O1S MES N . -3.60 -6.92 -9.10
O2S MES N . -3.66 -8.73 -10.74
O3S MES N . -3.72 -6.52 -11.63
#